data_5G4J
#
_entry.id   5G4J
#
_cell.length_a   76.166
_cell.length_b   96.371
_cell.length_c   121.897
_cell.angle_alpha   90.00
_cell.angle_beta   90.00
_cell.angle_gamma   90.00
#
_symmetry.space_group_name_H-M   'P 21 21 21'
#
loop_
_entity.id
_entity.type
_entity.pdbx_description
1 polymer 'PUTATIVE AMINOTRANSFERASE CLASS III PROTEIN'
2 non-polymer '{5-hydroxy-6-methyl-4-[(E)-{[2-(phosphonooxy)ethyl]imino}methyl]pyridin-3-yl}methyl dihydrogen phosphate'
3 non-polymer 'SODIUM ION'
4 water water
#
_entity_poly.entity_id   1
_entity_poly.type   'polypeptide(L)'
_entity_poly.pdbx_seq_one_letter_code
;MTSETTTTPSRVPQTANDLLARRYATIGPHSPLFYRQPLELVSGSGVWLTDAQGKVYLDGYNNVPHVGHANPAVADAIYQ
QLLTVNLHTRYLNSRVVEYAEALLSKFDGALERLFLTNSGSEANELALRIARQHTGNTGVLVSDFSYHGNTTSLAEITTG
LTVHEPLGAHVRALRIPDVSGIAEVDVPVLLEQSLADVDAAIASLQAAGHGVSVFLFDPLFSTEGLLQLPSGYIEGVATR
VRAAGGLVISDEVQSGFGRTGSGMWGYQMFNVEPELVTMGKPMGNGHPIGAVVTTAELLDEFGRHNMFFNTFAGNPVSSA
AGLAVLRYMDQEDLMAKADQLGKYIRKRLENIAQRSGNVGSVRGRGLFFGIDIIESDGSRNPAPALTKILIEDMRERGVL
ISRVGPHDNVLKMRPPLVFGREHADILLGQLELSLASLPQPGNLVL
;
_entity_poly.pdbx_strand_id   A,B
#
# COMPACT_ATOMS: atom_id res chain seq x y z
N ASP A 18 -17.14 -0.57 -25.60
CA ASP A 18 -15.76 -1.03 -25.87
C ASP A 18 -14.92 -1.08 -24.54
N LEU A 19 -15.56 -1.40 -23.38
CA LEU A 19 -14.85 -1.24 -22.07
C LEU A 19 -13.62 -2.17 -21.90
N LEU A 20 -13.77 -3.43 -22.31
CA LEU A 20 -12.66 -4.43 -22.29
C LEU A 20 -11.46 -3.98 -23.13
N ALA A 21 -11.72 -3.47 -24.34
CA ALA A 21 -10.61 -2.98 -25.19
C ALA A 21 -9.92 -1.82 -24.51
N ARG A 22 -10.72 -0.88 -24.00
CA ARG A 22 -10.21 0.33 -23.35
C ARG A 22 -9.35 -0.01 -22.11
N ARG A 23 -9.77 -1.01 -21.35
CA ARG A 23 -8.96 -1.54 -20.27
C ARG A 23 -7.65 -2.10 -20.71
N TYR A 24 -7.71 -2.95 -21.74
CA TYR A 24 -6.48 -3.59 -22.28
C TYR A 24 -5.45 -2.55 -22.83
N ALA A 25 -5.92 -1.42 -23.32
CA ALA A 25 -5.06 -0.28 -23.84
C ALA A 25 -4.44 0.58 -22.71
N THR A 26 -4.84 0.35 -21.44
CA THR A 26 -4.40 1.22 -20.31
C THR A 26 -3.74 0.46 -19.14
N ILE A 27 -4.53 -0.41 -18.52
CA ILE A 27 -3.99 -1.26 -17.44
C ILE A 27 -3.51 -2.63 -17.97
N GLY A 28 -3.77 -2.90 -19.26
CA GLY A 28 -3.22 -4.07 -19.98
C GLY A 28 -4.11 -5.30 -19.85
N PRO A 29 -3.82 -6.29 -20.71
CA PRO A 29 -4.61 -7.58 -20.76
C PRO A 29 -4.27 -8.65 -19.70
N HIS A 30 -3.24 -8.46 -18.88
CA HIS A 30 -2.80 -9.50 -17.95
C HIS A 30 -3.47 -9.33 -16.59
N SER A 31 -3.83 -8.10 -16.22
CA SER A 31 -4.54 -7.89 -14.93
C SER A 31 -5.77 -8.83 -14.88
N PRO A 32 -5.89 -9.69 -13.84
CA PRO A 32 -6.84 -10.79 -13.99
C PRO A 32 -8.30 -10.33 -14.06
N LEU A 33 -9.13 -11.12 -14.77
CA LEU A 33 -10.56 -10.98 -14.82
C LEU A 33 -11.18 -12.39 -14.61
N PHE A 34 -12.25 -12.48 -13.83
CA PHE A 34 -13.01 -13.71 -13.67
C PHE A 34 -13.84 -14.01 -14.93
N TYR A 35 -14.06 -15.31 -15.10
CA TYR A 35 -15.04 -15.90 -16.07
C TYR A 35 -14.50 -15.92 -17.53
N ARG A 36 -15.09 -16.79 -18.35
CA ARG A 36 -14.82 -16.80 -19.83
C ARG A 36 -15.16 -15.46 -20.45
N GLN A 37 -16.34 -14.93 -20.11
CA GLN A 37 -16.79 -13.57 -20.53
C GLN A 37 -16.71 -12.64 -19.28
N PRO A 38 -15.71 -11.72 -19.25
CA PRO A 38 -15.61 -10.80 -18.09
C PRO A 38 -16.95 -10.10 -17.84
N LEU A 39 -17.37 -10.08 -16.58
CA LEU A 39 -18.60 -9.45 -16.18
C LEU A 39 -18.37 -8.01 -15.79
N GLU A 40 -19.20 -7.13 -16.32
CA GLU A 40 -19.17 -5.71 -15.92
C GLU A 40 -20.22 -5.46 -14.84
N LEU A 41 -19.76 -5.20 -13.61
CA LEU A 41 -20.66 -4.99 -12.49
C LEU A 41 -20.71 -3.49 -12.19
N VAL A 42 -21.91 -2.94 -12.25
CA VAL A 42 -22.15 -1.52 -12.16
C VAL A 42 -22.71 -1.07 -10.85
N SER A 43 -23.42 -1.93 -10.11
CA SER A 43 -23.96 -1.50 -8.82
C SER A 43 -24.17 -2.71 -7.97
N GLY A 44 -24.34 -2.45 -6.68
CA GLY A 44 -24.62 -3.50 -5.74
C GLY A 44 -25.34 -2.92 -4.57
N SER A 45 -25.97 -3.79 -3.82
CA SER A 45 -26.62 -3.41 -2.63
C SER A 45 -26.66 -4.61 -1.72
N GLY A 46 -25.99 -4.53 -0.58
CA GLY A 46 -25.91 -5.69 0.32
C GLY A 46 -25.19 -6.86 -0.29
N VAL A 47 -25.92 -7.95 -0.56
CA VAL A 47 -25.37 -9.09 -1.20
C VAL A 47 -25.63 -9.20 -2.71
N TRP A 48 -26.36 -8.24 -3.26
CA TRP A 48 -26.89 -8.30 -4.62
C TRP A 48 -26.06 -7.36 -5.54
N LEU A 49 -25.67 -7.88 -6.70
CA LEU A 49 -24.86 -7.15 -7.68
C LEU A 49 -25.60 -7.18 -8.98
N THR A 50 -25.47 -6.10 -9.77
CA THR A 50 -26.17 -5.96 -11.05
C THR A 50 -25.15 -5.65 -12.12
N ASP A 51 -25.22 -6.40 -13.23
CA ASP A 51 -24.26 -6.22 -14.29
C ASP A 51 -24.77 -5.16 -15.27
N ALA A 52 -23.93 -4.85 -16.26
CA ALA A 52 -24.30 -3.78 -17.26
C ALA A 52 -25.56 -4.10 -18.11
N GLN A 53 -25.92 -5.37 -18.24
CA GLN A 53 -27.22 -5.76 -18.90
C GLN A 53 -28.39 -5.79 -17.92
N GLY A 54 -28.20 -5.44 -16.65
CA GLY A 54 -29.30 -5.51 -15.68
C GLY A 54 -29.56 -6.88 -15.03
N LYS A 55 -28.71 -7.90 -15.27
CA LYS A 55 -28.85 -9.17 -14.57
C LYS A 55 -28.37 -9.03 -13.09
N VAL A 56 -29.09 -9.68 -12.20
CA VAL A 56 -28.83 -9.62 -10.79
C VAL A 56 -28.20 -10.91 -10.29
N TYR A 57 -27.18 -10.78 -9.44
CA TYR A 57 -26.48 -11.93 -8.90
C TYR A 57 -26.39 -11.84 -7.36
N LEU A 58 -26.52 -13.00 -6.73
CA LEU A 58 -26.15 -13.17 -5.38
C LEU A 58 -24.61 -13.27 -5.31
N ASP A 59 -24.02 -12.41 -4.47
CA ASP A 59 -22.57 -12.40 -4.22
C ASP A 59 -22.20 -13.49 -3.19
N GLY A 60 -21.70 -14.62 -3.70
CA GLY A 60 -21.19 -15.71 -2.90
C GLY A 60 -19.68 -15.73 -2.75
N TYR A 61 -18.99 -14.64 -3.08
CA TYR A 61 -17.54 -14.65 -3.26
C TYR A 61 -16.73 -13.55 -2.61
N ASN A 62 -17.25 -12.32 -2.55
CA ASN A 62 -16.47 -11.17 -2.19
C ASN A 62 -16.44 -10.86 -0.74
N ASN A 63 -15.25 -10.85 -0.18
CA ASN A 63 -15.05 -10.52 1.20
C ASN A 63 -14.67 -9.12 1.47
N VAL A 64 -14.23 -8.39 0.45
CA VAL A 64 -13.90 -6.99 0.64
C VAL A 64 -15.08 -6.13 1.11
N PRO A 65 -16.28 -6.29 0.53
CA PRO A 65 -17.45 -5.59 1.05
C PRO A 65 -18.03 -6.36 2.22
N HIS A 66 -17.23 -6.38 3.28
CA HIS A 66 -17.53 -7.14 4.48
C HIS A 66 -18.91 -6.91 5.06
N VAL A 67 -19.36 -5.64 5.06
CA VAL A 67 -20.66 -5.24 5.57
C VAL A 67 -21.68 -4.90 4.45
N GLY A 68 -21.42 -5.42 3.28
CA GLY A 68 -22.29 -5.29 2.13
C GLY A 68 -21.92 -4.23 1.14
N HIS A 69 -22.25 -4.47 -0.13
CA HIS A 69 -22.15 -3.47 -1.17
C HIS A 69 -22.98 -2.22 -0.85
N ALA A 70 -22.34 -1.07 -1.03
CA ALA A 70 -22.98 0.20 -0.84
C ALA A 70 -23.49 0.45 0.53
N ASN A 71 -22.83 -0.12 1.55
CA ASN A 71 -23.29 0.09 2.89
C ASN A 71 -23.34 1.60 3.23
N PRO A 72 -24.54 2.14 3.55
CA PRO A 72 -24.64 3.57 3.68
C PRO A 72 -24.03 4.16 4.94
N ALA A 73 -23.92 3.36 6.01
CA ALA A 73 -23.21 3.83 7.19
C ALA A 73 -21.74 4.04 6.92
N VAL A 74 -21.13 3.11 6.17
CA VAL A 74 -19.75 3.32 5.75
C VAL A 74 -19.61 4.54 4.83
N ALA A 75 -20.48 4.65 3.83
CA ALA A 75 -20.44 5.76 2.92
C ALA A 75 -20.55 7.11 3.66
N ASP A 76 -21.47 7.17 4.60
CA ASP A 76 -21.73 8.42 5.39
C ASP A 76 -20.56 8.77 6.24
N ALA A 77 -19.94 7.76 6.91
CA ALA A 77 -18.81 8.03 7.80
C ALA A 77 -17.62 8.60 7.01
N ILE A 78 -17.32 8.02 5.86
CA ILE A 78 -16.25 8.48 4.97
C ILE A 78 -16.51 9.89 4.47
N TYR A 79 -17.69 10.10 3.95
CA TYR A 79 -18.09 11.43 3.42
C TYR A 79 -18.03 12.53 4.49
N GLN A 80 -18.54 12.28 5.68
CA GLN A 80 -18.50 13.26 6.75
C GLN A 80 -17.07 13.61 7.11
N GLN A 81 -16.17 12.60 7.15
CA GLN A 81 -14.79 12.94 7.49
C GLN A 81 -14.11 13.69 6.36
N LEU A 82 -14.48 13.37 5.13
CA LEU A 82 -13.96 14.10 3.94
C LEU A 82 -14.40 15.55 3.92
N LEU A 83 -15.47 15.85 4.61
CA LEU A 83 -15.87 17.26 4.77
C LEU A 83 -15.18 17.96 5.92
N THR A 84 -14.32 17.25 6.66
CA THR A 84 -13.79 17.78 7.90
C THR A 84 -12.29 18.03 7.77
N VAL A 85 -11.48 16.95 7.73
CA VAL A 85 -10.04 17.09 7.52
C VAL A 85 -9.45 15.69 7.22
N ASN A 86 -8.35 15.63 6.48
CA ASN A 86 -7.81 14.28 6.09
C ASN A 86 -6.26 14.16 6.04
N LEU A 87 -5.61 14.55 7.12
CA LEU A 87 -4.13 14.70 7.12
C LEU A 87 -3.43 13.50 7.75
N HIS A 88 -2.18 13.32 7.34
CA HIS A 88 -1.26 12.32 7.89
C HIS A 88 -1.13 12.51 9.43
N THR A 89 -0.52 11.47 10.01
CA THR A 89 -0.56 11.27 11.45
C THR A 89 0.54 12.10 12.19
N ARG A 90 1.30 12.92 11.46
CA ARG A 90 2.24 13.87 12.14
C ARG A 90 1.52 15.06 12.80
N TYR A 91 0.23 15.21 12.52
CA TYR A 91 -0.58 16.04 13.37
C TYR A 91 -1.47 15.06 14.13
N LEU A 92 -1.71 15.34 15.41
CA LEU A 92 -2.67 14.61 16.17
C LEU A 92 -4.08 14.72 15.58
N ASN A 93 -4.83 13.61 15.65
CA ASN A 93 -6.25 13.62 15.25
C ASN A 93 -6.98 12.45 15.98
N SER A 94 -8.21 12.71 16.42
CA SER A 94 -8.91 11.75 17.24
C SER A 94 -9.38 10.51 16.49
N ARG A 95 -9.61 10.59 15.18
CA ARG A 95 -10.25 9.46 14.47
C ARG A 95 -9.32 8.27 14.45
N VAL A 96 -8.04 8.47 14.18
CA VAL A 96 -7.10 7.35 14.16
C VAL A 96 -7.01 6.68 15.53
N VAL A 97 -7.04 7.49 16.59
CA VAL A 97 -6.92 6.98 17.93
C VAL A 97 -8.16 6.18 18.32
N GLU A 98 -9.31 6.68 17.99
CA GLU A 98 -10.59 5.98 18.18
C GLU A 98 -10.64 4.66 17.44
N TYR A 99 -10.21 4.68 16.19
CA TYR A 99 -10.19 3.44 15.41
C TYR A 99 -9.17 2.46 16.01
N ALA A 100 -7.97 2.93 16.37
CA ALA A 100 -6.94 2.03 16.94
C ALA A 100 -7.47 1.42 18.20
N GLU A 101 -8.15 2.22 19.06
CA GLU A 101 -8.74 1.68 20.26
C GLU A 101 -9.80 0.63 20.01
N ALA A 102 -10.65 0.85 19.02
CA ALA A 102 -11.74 -0.05 18.70
C ALA A 102 -11.18 -1.38 18.11
N LEU A 103 -10.19 -1.27 17.22
CA LEU A 103 -9.58 -2.45 16.66
C LEU A 103 -8.79 -3.24 17.72
N LEU A 104 -8.01 -2.56 18.58
CA LEU A 104 -7.18 -3.28 19.52
C LEU A 104 -8.09 -3.97 20.62
N SER A 105 -9.26 -3.40 20.85
CA SER A 105 -10.25 -4.04 21.75
C SER A 105 -10.74 -5.40 21.27
N LYS A 106 -10.50 -5.72 19.98
CA LYS A 106 -10.74 -7.06 19.47
C LYS A 106 -9.63 -8.08 19.59
N PHE A 107 -8.58 -7.73 20.32
CA PHE A 107 -7.41 -8.59 20.58
C PHE A 107 -7.22 -8.81 22.08
N ASP A 108 -6.71 -9.99 22.40
CA ASP A 108 -6.34 -10.46 23.75
C ASP A 108 -4.88 -10.49 23.93
N GLY A 109 -4.49 -10.82 25.15
CA GLY A 109 -3.11 -11.17 25.51
C GLY A 109 -2.16 -10.01 25.26
N ALA A 110 -1.03 -10.30 24.64
CA ALA A 110 0.01 -9.28 24.50
C ALA A 110 -0.16 -8.45 23.19
N LEU A 111 -1.20 -8.77 22.38
CA LEU A 111 -1.49 -8.03 21.17
C LEU A 111 -2.16 -6.67 21.48
N GLU A 112 -1.33 -5.64 21.57
CA GLU A 112 -1.83 -4.36 22.07
C GLU A 112 -1.24 -3.13 21.45
N ARG A 113 -0.64 -3.23 20.28
CA ARG A 113 -0.15 -2.09 19.52
C ARG A 113 -0.45 -2.34 18.01
N LEU A 114 -0.44 -1.27 17.21
CA LEU A 114 -0.96 -1.30 15.87
C LEU A 114 -0.07 -0.39 14.99
N PHE A 115 0.27 -0.91 13.83
CA PHE A 115 0.82 -0.13 12.70
C PHE A 115 -0.28 -0.20 11.62
N LEU A 116 -0.74 0.97 11.15
CA LEU A 116 -1.70 0.97 10.08
C LEU A 116 -0.97 1.03 8.73
N THR A 117 -1.55 0.40 7.70
CA THR A 117 -1.02 0.45 6.35
C THR A 117 -2.15 0.69 5.38
N ASN A 118 -1.87 0.60 4.07
CA ASN A 118 -2.94 0.80 3.05
C ASN A 118 -3.34 -0.46 2.28
N SER A 119 -2.77 -1.62 2.64
CA SER A 119 -3.11 -2.88 1.98
C SER A 119 -2.58 -4.04 2.80
N GLY A 120 -3.12 -5.19 2.51
CA GLY A 120 -2.63 -6.44 3.02
C GLY A 120 -1.16 -6.71 2.64
N SER A 121 -0.73 -6.45 1.40
CA SER A 121 0.68 -6.59 1.03
C SER A 121 1.55 -5.70 1.86
N GLU A 122 1.18 -4.45 2.08
CA GLU A 122 1.98 -3.55 2.89
C GLU A 122 2.09 -4.04 4.33
N ALA A 123 1.00 -4.59 4.84
CA ALA A 123 1.00 -5.19 6.21
C ALA A 123 1.97 -6.41 6.32
N ASN A 124 1.90 -7.35 5.38
CA ASN A 124 2.77 -8.51 5.42
C ASN A 124 4.21 -8.10 5.18
N GLU A 125 4.43 -7.13 4.28
CA GLU A 125 5.79 -6.60 4.06
C GLU A 125 6.40 -6.01 5.33
N LEU A 126 5.62 -5.24 6.06
CA LEU A 126 6.10 -4.68 7.32
C LEU A 126 6.27 -5.73 8.39
N ALA A 127 5.33 -6.66 8.53
CA ALA A 127 5.45 -7.74 9.47
C ALA A 127 6.75 -8.55 9.24
N LEU A 128 7.05 -8.90 7.99
CA LEU A 128 8.29 -9.61 7.72
C LEU A 128 9.51 -8.78 8.07
N ARG A 129 9.44 -7.49 7.86
CA ARG A 129 10.55 -6.57 8.18
C ARG A 129 10.79 -6.43 9.69
N ILE A 130 9.71 -6.27 10.44
CA ILE A 130 9.75 -6.25 11.91
C ILE A 130 10.39 -7.54 12.36
N ALA A 131 9.97 -8.67 11.82
CA ALA A 131 10.47 -9.94 12.28
C ALA A 131 11.95 -10.17 11.97
N ARG A 132 12.37 -9.83 10.77
CA ARG A 132 13.75 -9.94 10.29
C ARG A 132 14.66 -9.11 11.20
N GLN A 133 14.29 -7.88 11.48
CA GLN A 133 15.08 -7.04 12.36
C GLN A 133 15.12 -7.54 13.83
N HIS A 134 13.99 -8.02 14.35
CA HIS A 134 13.89 -8.46 15.69
C HIS A 134 14.68 -9.77 15.92
N THR A 135 14.55 -10.73 14.99
CA THR A 135 15.07 -12.01 15.17
C THR A 135 16.56 -12.09 14.81
N GLY A 136 17.05 -11.17 13.96
CA GLY A 136 18.35 -11.28 13.37
C GLY A 136 18.51 -12.44 12.39
N ASN A 137 17.40 -13.06 11.97
CA ASN A 137 17.33 -14.14 11.03
C ASN A 137 16.59 -13.70 9.76
N THR A 138 16.73 -14.47 8.66
CA THR A 138 15.98 -14.22 7.44
C THR A 138 15.03 -15.35 7.03
N GLY A 139 15.10 -16.52 7.66
CA GLY A 139 14.44 -17.67 7.12
C GLY A 139 12.93 -17.52 7.27
N VAL A 140 12.21 -17.98 6.26
CA VAL A 140 10.73 -17.92 6.22
C VAL A 140 10.15 -19.31 5.96
N LEU A 141 9.24 -19.72 6.84
CA LEU A 141 8.38 -20.88 6.63
C LEU A 141 7.02 -20.49 6.15
N VAL A 142 6.58 -21.00 5.01
CA VAL A 142 5.28 -20.77 4.45
C VAL A 142 4.76 -22.07 3.93
N SER A 143 3.47 -22.10 3.65
CA SER A 143 2.92 -23.23 3.00
C SER A 143 3.39 -23.35 1.53
N ASP A 144 3.31 -24.55 1.03
CA ASP A 144 3.69 -24.84 -0.39
C ASP A 144 2.66 -24.49 -1.39
N PHE A 145 1.57 -23.82 -0.98
CA PHE A 145 0.69 -23.26 -2.00
C PHE A 145 -0.05 -22.05 -1.40
N SER A 146 0.72 -21.00 -1.18
CA SER A 146 0.24 -19.84 -0.47
C SER A 146 0.52 -18.56 -1.25
N TYR A 147 -0.13 -17.49 -0.81
CA TYR A 147 -0.01 -16.16 -1.41
C TYR A 147 -0.27 -15.09 -0.33
N HIS A 148 0.75 -14.26 -0.08
CA HIS A 148 0.65 -13.28 1.02
C HIS A 148 0.84 -11.85 0.53
N GLY A 149 0.99 -11.68 -0.79
CA GLY A 149 1.12 -10.31 -1.35
C GLY A 149 2.12 -10.15 -2.42
N ASN A 150 2.30 -8.93 -2.84
CA ASN A 150 2.92 -8.65 -4.16
C ASN A 150 4.18 -7.78 -4.19
N THR A 151 4.82 -7.56 -3.06
CA THR A 151 6.08 -6.84 -2.98
C THR A 151 7.21 -7.79 -3.40
N THR A 152 8.42 -7.25 -3.50
CA THR A 152 9.61 -8.11 -3.81
C THR A 152 9.84 -9.19 -2.74
N SER A 153 9.83 -8.78 -1.49
CA SER A 153 10.09 -9.77 -0.42
C SER A 153 9.01 -10.83 -0.38
N LEU A 154 7.76 -10.46 -0.69
CA LEU A 154 6.66 -11.44 -0.66
C LEU A 154 6.68 -12.31 -1.92
N ALA A 155 7.11 -11.72 -3.06
CA ALA A 155 7.27 -12.55 -4.28
C ALA A 155 8.27 -13.70 -4.06
N GLU A 156 9.38 -13.38 -3.36
CA GLU A 156 10.45 -14.36 -3.10
C GLU A 156 9.96 -15.52 -2.21
N ILE A 157 8.81 -15.39 -1.51
CA ILE A 157 8.30 -16.47 -0.67
C ILE A 157 7.05 -17.09 -1.26
N THR A 158 6.61 -16.62 -2.43
CA THR A 158 5.33 -17.06 -2.99
C THR A 158 5.33 -18.45 -3.66
N THR A 159 4.40 -19.32 -3.30
CA THR A 159 4.33 -20.66 -3.83
C THR A 159 3.02 -20.94 -4.56
N GLY A 160 1.98 -20.15 -4.34
CA GLY A 160 0.63 -20.50 -4.84
C GLY A 160 0.18 -19.70 -6.06
N LEU A 161 1.05 -18.89 -6.60
CA LEU A 161 0.75 -18.12 -7.80
C LEU A 161 2.09 -17.92 -8.52
N THR A 162 2.03 -17.76 -9.83
CA THR A 162 3.24 -17.61 -10.62
C THR A 162 3.93 -16.27 -10.49
N VAL A 163 5.23 -16.28 -10.18
CA VAL A 163 6.01 -15.05 -10.17
C VAL A 163 7.32 -15.35 -10.85
N HIS A 164 7.99 -14.33 -11.34
CA HIS A 164 9.25 -14.49 -12.02
C HIS A 164 10.35 -14.85 -11.06
N GLU A 165 10.30 -14.28 -9.85
CA GLU A 165 11.37 -14.55 -8.83
C GLU A 165 11.42 -16.06 -8.48
N PRO A 166 12.61 -16.68 -8.52
CA PRO A 166 12.68 -18.05 -8.02
C PRO A 166 12.38 -18.02 -6.50
N LEU A 167 11.93 -19.15 -5.96
CA LEU A 167 11.66 -19.24 -4.53
C LEU A 167 12.97 -18.91 -3.86
N GLY A 168 12.93 -18.03 -2.89
CA GLY A 168 14.11 -17.58 -2.16
C GLY A 168 14.88 -18.67 -1.47
N ALA A 169 16.21 -18.55 -1.45
CA ALA A 169 17.02 -19.59 -0.72
C ALA A 169 16.70 -19.60 0.81
N HIS A 170 16.23 -18.46 1.32
CA HIS A 170 15.82 -18.31 2.68
C HIS A 170 14.41 -18.80 3.00
N VAL A 171 13.81 -19.47 2.09
CA VAL A 171 12.42 -19.96 2.23
C VAL A 171 12.38 -21.45 2.28
N ARG A 172 11.57 -22.01 3.19
CA ARG A 172 11.12 -23.38 3.01
C ARG A 172 9.61 -23.49 2.97
N ALA A 173 9.12 -24.24 2.00
CA ALA A 173 7.69 -24.42 1.78
C ALA A 173 7.25 -25.68 2.44
N LEU A 174 6.21 -25.62 3.24
CA LEU A 174 5.70 -26.80 3.97
C LEU A 174 4.46 -27.36 3.31
N ARG A 175 4.32 -28.68 3.35
CA ARG A 175 3.08 -29.37 2.97
C ARG A 175 2.20 -29.41 4.23
N ILE A 176 1.25 -28.47 4.32
CA ILE A 176 0.42 -28.34 5.52
C ILE A 176 -0.54 -29.56 5.56
N PRO A 177 -0.63 -30.25 6.69
CA PRO A 177 -1.39 -31.49 6.69
C PRO A 177 -2.90 -31.20 6.67
N ASP A 178 -3.61 -32.04 5.94
CA ASP A 178 -5.05 -31.99 5.76
C ASP A 178 -5.70 -33.32 6.19
N VAL A 179 -6.49 -33.32 7.23
CA VAL A 179 -7.18 -34.57 7.72
C VAL A 179 -8.46 -34.88 6.91
N SER A 180 -8.82 -34.02 5.93
CA SER A 180 -10.13 -34.19 5.23
C SER A 180 -10.15 -35.53 4.59
N GLY A 181 -11.18 -36.33 4.89
CA GLY A 181 -11.30 -37.69 4.30
C GLY A 181 -10.27 -38.76 4.72
N ILE A 182 -9.45 -38.49 5.74
CA ILE A 182 -8.42 -39.42 6.20
C ILE A 182 -9.03 -40.18 7.40
N ALA A 183 -8.78 -41.48 7.55
CA ALA A 183 -9.34 -42.22 8.73
C ALA A 183 -8.82 -41.58 10.04
N GLU A 184 -9.69 -41.43 11.04
CA GLU A 184 -9.31 -40.80 12.34
C GLU A 184 -8.11 -41.54 13.03
N VAL A 185 -7.91 -42.82 12.70
CA VAL A 185 -6.78 -43.61 13.24
C VAL A 185 -5.42 -43.25 12.64
N ASP A 186 -5.44 -42.73 11.40
CA ASP A 186 -4.25 -42.26 10.69
C ASP A 186 -3.84 -40.80 10.98
N VAL A 187 -4.64 -40.02 11.69
CA VAL A 187 -4.21 -38.64 11.92
C VAL A 187 -2.92 -38.56 12.73
N PRO A 188 -2.74 -39.40 13.78
CA PRO A 188 -1.50 -39.24 14.56
C PRO A 188 -0.21 -39.40 13.77
N VAL A 189 -0.17 -40.32 12.84
CA VAL A 189 0.99 -40.47 11.96
C VAL A 189 1.16 -39.24 11.03
N LEU A 190 0.04 -38.75 10.49
CA LEU A 190 0.07 -37.53 9.67
C LEU A 190 0.68 -36.38 10.48
N LEU A 191 0.22 -36.18 11.72
CA LEU A 191 0.70 -35.11 12.57
C LEU A 191 2.20 -35.27 12.85
N GLU A 192 2.59 -36.50 13.23
CA GLU A 192 4.00 -36.78 13.60
C GLU A 192 4.92 -36.53 12.44
N GLN A 193 4.54 -36.95 11.23
CA GLN A 193 5.34 -36.79 10.04
C GLN A 193 5.44 -35.34 9.63
N SER A 194 4.31 -34.62 9.69
CA SER A 194 4.28 -33.21 9.33
C SER A 194 5.18 -32.42 10.24
N LEU A 195 5.18 -32.71 11.54
CA LEU A 195 6.05 -32.00 12.40
C LEU A 195 7.56 -32.34 12.20
N ALA A 196 7.82 -33.55 11.82
CA ALA A 196 9.26 -33.93 11.48
C ALA A 196 9.70 -33.15 10.25
N ASP A 197 8.78 -32.95 9.29
CA ASP A 197 9.04 -32.12 8.12
C ASP A 197 9.39 -30.68 8.52
N VAL A 198 8.66 -30.17 9.53
CA VAL A 198 8.96 -28.84 10.07
C VAL A 198 10.35 -28.78 10.69
N ASP A 199 10.68 -29.75 11.53
CA ASP A 199 12.02 -29.88 12.10
C ASP A 199 13.10 -29.85 10.98
N ALA A 200 12.86 -30.62 9.93
CA ALA A 200 13.82 -30.71 8.82
C ALA A 200 13.97 -29.37 8.09
N ALA A 201 12.85 -28.68 7.86
CA ALA A 201 12.89 -27.36 7.29
C ALA A 201 13.73 -26.38 8.11
N ILE A 202 13.46 -26.35 9.42
CA ILE A 202 14.13 -25.47 10.33
C ILE A 202 15.64 -25.76 10.32
N ALA A 203 15.99 -27.05 10.48
CA ALA A 203 17.43 -27.44 10.50
C ALA A 203 18.11 -27.02 9.17
N SER A 204 17.43 -27.20 8.06
CA SER A 204 17.94 -26.77 6.75
C SER A 204 18.20 -25.28 6.69
N LEU A 205 17.21 -24.45 7.15
CA LEU A 205 17.41 -23.02 7.11
C LEU A 205 18.57 -22.62 8.00
N GLN A 206 18.72 -23.34 9.14
CA GLN A 206 19.81 -23.00 10.08
C GLN A 206 21.20 -23.35 9.47
N ALA A 207 21.29 -24.50 8.84
CA ALA A 207 22.52 -24.92 8.24
C ALA A 207 22.97 -23.94 7.16
N ALA A 208 22.00 -23.41 6.44
CA ALA A 208 22.26 -22.47 5.39
C ALA A 208 22.60 -21.12 5.86
N GLY A 209 22.51 -20.83 7.13
CA GLY A 209 22.80 -19.54 7.66
C GLY A 209 21.65 -18.52 7.67
N HIS A 210 20.48 -18.95 7.23
CA HIS A 210 19.30 -18.04 7.32
C HIS A 210 18.67 -17.96 8.70
N GLY A 211 18.77 -19.03 9.48
CA GLY A 211 18.01 -19.16 10.69
C GLY A 211 16.51 -19.09 10.41
N VAL A 212 15.72 -18.90 11.44
CA VAL A 212 14.23 -18.81 11.28
C VAL A 212 13.82 -17.45 11.78
N SER A 213 13.27 -16.64 10.87
CA SER A 213 12.67 -15.36 11.24
C SER A 213 11.17 -15.55 11.53
N VAL A 214 10.45 -16.18 10.61
CA VAL A 214 8.99 -16.30 10.77
C VAL A 214 8.38 -17.60 10.23
N PHE A 215 7.20 -17.95 10.78
CA PHE A 215 6.24 -18.82 10.14
C PHE A 215 5.05 -17.93 9.87
N LEU A 216 4.66 -17.85 8.61
CA LEU A 216 3.62 -16.97 8.15
C LEU A 216 2.53 -17.84 7.58
N PHE A 217 1.29 -17.65 7.99
CA PHE A 217 0.21 -18.53 7.48
C PHE A 217 -1.14 -17.85 7.51
N ASP A 218 -1.98 -18.33 6.60
CA ASP A 218 -3.42 -18.04 6.57
C ASP A 218 -4.10 -19.14 7.39
N PRO A 219 -4.72 -18.79 8.52
CA PRO A 219 -5.38 -19.85 9.40
C PRO A 219 -6.41 -20.78 8.68
N LEU A 220 -7.05 -20.28 7.63
CA LEU A 220 -7.99 -21.12 6.88
C LEU A 220 -7.30 -21.98 5.81
N PHE A 221 -6.02 -21.69 5.49
CA PHE A 221 -5.30 -22.36 4.44
C PHE A 221 -6.20 -22.44 3.22
N SER A 222 -6.72 -21.28 2.87
CA SER A 222 -7.67 -21.16 1.77
C SER A 222 -7.09 -21.34 0.39
N THR A 223 -6.01 -20.63 0.07
CA THR A 223 -5.32 -20.79 -1.21
C THR A 223 -4.83 -22.24 -1.43
N GLU A 224 -4.49 -22.87 -0.33
CA GLU A 224 -4.04 -24.27 -0.31
C GLU A 224 -5.16 -25.29 -0.63
N GLY A 225 -6.41 -24.83 -0.66
CA GLY A 225 -7.57 -25.70 -0.80
C GLY A 225 -8.44 -25.92 0.38
N LEU A 226 -8.42 -24.99 1.34
CA LEU A 226 -9.17 -25.04 2.56
C LEU A 226 -8.96 -26.28 3.42
N LEU A 227 -7.76 -26.37 4.00
CA LEU A 227 -7.33 -27.54 4.66
C LEU A 227 -7.92 -27.59 6.07
N GLN A 228 -8.16 -28.79 6.55
CA GLN A 228 -8.54 -29.00 7.93
C GLN A 228 -7.34 -29.66 8.61
N LEU A 229 -6.79 -28.99 9.60
CA LEU A 229 -5.51 -29.46 10.18
C LEU A 229 -5.75 -30.38 11.38
N PRO A 230 -4.85 -31.35 11.63
CA PRO A 230 -4.89 -32.08 12.89
C PRO A 230 -4.66 -31.14 14.00
N SER A 231 -5.27 -31.39 15.14
CA SER A 231 -5.06 -30.59 16.29
C SER A 231 -3.59 -30.74 16.71
N GLY A 232 -2.97 -29.65 17.11
CA GLY A 232 -1.61 -29.65 17.58
C GLY A 232 -0.58 -29.29 16.50
N TYR A 233 -0.96 -29.26 15.21
CA TYR A 233 0.02 -28.89 14.17
C TYR A 233 0.51 -27.49 14.34
N ILE A 234 -0.42 -26.51 14.36
CA ILE A 234 -0.01 -25.10 14.51
C ILE A 234 0.68 -24.84 15.80
N GLU A 235 0.18 -25.40 16.90
CA GLU A 235 0.84 -25.20 18.15
C GLU A 235 2.30 -25.76 18.08
N GLY A 236 2.43 -26.88 17.40
CA GLY A 236 3.74 -27.59 17.27
C GLY A 236 4.70 -26.73 16.43
N VAL A 237 4.18 -26.13 15.38
CA VAL A 237 5.01 -25.28 14.52
C VAL A 237 5.49 -24.13 15.36
N ALA A 238 4.59 -23.45 16.04
CA ALA A 238 4.93 -22.32 16.85
C ALA A 238 6.00 -22.64 17.86
N THR A 239 5.84 -23.80 18.55
CA THR A 239 6.86 -24.16 19.52
C THR A 239 8.25 -24.30 18.89
N ARG A 240 8.30 -25.00 17.76
CA ARG A 240 9.58 -25.21 17.08
C ARG A 240 10.16 -23.91 16.53
N VAL A 241 9.30 -23.03 15.99
CA VAL A 241 9.77 -21.79 15.47
C VAL A 241 10.33 -20.91 16.60
N ARG A 242 9.60 -20.85 17.70
CA ARG A 242 10.10 -20.05 18.84
C ARG A 242 11.38 -20.63 19.42
N ALA A 243 11.51 -21.94 19.42
CA ALA A 243 12.83 -22.56 19.89
C ALA A 243 14.00 -22.22 18.93
N ALA A 244 13.68 -21.92 17.69
CA ALA A 244 14.64 -21.42 16.73
C ALA A 244 14.82 -19.89 16.70
N GLY A 245 14.16 -19.15 17.62
CA GLY A 245 14.31 -17.70 17.76
C GLY A 245 13.39 -16.90 16.81
N GLY A 246 12.41 -17.58 16.20
CA GLY A 246 11.54 -16.93 15.22
C GLY A 246 10.19 -16.48 15.81
N LEU A 247 9.38 -15.84 14.96
CA LEU A 247 8.09 -15.34 15.33
C LEU A 247 7.04 -15.98 14.47
N VAL A 248 5.81 -15.88 14.94
CA VAL A 248 4.64 -16.36 14.21
C VAL A 248 3.83 -15.21 13.73
N ILE A 249 3.46 -15.21 12.43
CA ILE A 249 2.57 -14.21 11.84
C ILE A 249 1.30 -14.94 11.38
N SER A 250 0.14 -14.52 11.93
CA SER A 250 -1.16 -14.93 11.36
C SER A 250 -1.60 -13.87 10.38
N ASP A 251 -1.70 -14.29 9.11
CA ASP A 251 -2.22 -13.46 8.01
C ASP A 251 -3.74 -13.67 8.03
N GLU A 252 -4.43 -12.64 8.47
CA GLU A 252 -5.87 -12.60 8.62
C GLU A 252 -6.64 -11.98 7.48
N VAL A 253 -6.01 -11.82 6.32
CA VAL A 253 -6.67 -11.16 5.20
C VAL A 253 -7.90 -11.99 4.75
N GLN A 254 -7.81 -13.31 4.80
CA GLN A 254 -8.92 -14.18 4.44
C GLN A 254 -9.76 -14.61 5.65
N SER A 255 -9.19 -14.76 6.85
CA SER A 255 -9.91 -15.40 7.95
C SER A 255 -10.43 -14.38 8.97
N GLY A 256 -10.07 -13.12 8.81
CA GLY A 256 -10.31 -12.10 9.80
C GLY A 256 -11.70 -11.45 9.86
N PHE A 257 -11.87 -10.56 10.83
CA PHE A 257 -13.10 -9.81 11.03
C PHE A 257 -14.36 -10.70 11.18
N GLY A 258 -14.19 -11.83 11.86
CA GLY A 258 -15.32 -12.69 12.16
C GLY A 258 -15.81 -13.60 11.07
N ARG A 259 -15.06 -13.67 10.01
CA ARG A 259 -15.36 -14.57 8.86
C ARG A 259 -15.56 -16.03 9.30
N THR A 260 -14.79 -16.50 10.25
CA THR A 260 -14.90 -17.91 10.71
C THR A 260 -16.08 -18.19 11.64
N GLY A 261 -16.73 -17.13 12.14
CA GLY A 261 -17.81 -17.25 13.08
C GLY A 261 -17.39 -17.48 14.50
N SER A 262 -16.45 -18.40 14.75
CA SER A 262 -16.18 -18.91 16.09
C SER A 262 -15.21 -18.01 16.84
N GLY A 263 -14.63 -17.03 16.13
CA GLY A 263 -13.71 -16.08 16.72
C GLY A 263 -13.50 -14.92 15.73
N MET A 264 -13.14 -13.76 16.26
CA MET A 264 -12.83 -12.59 15.42
C MET A 264 -11.67 -12.91 14.41
N TRP A 265 -10.70 -13.72 14.86
CA TRP A 265 -9.51 -13.99 14.07
C TRP A 265 -9.41 -15.49 13.83
N GLY A 266 -9.01 -15.85 12.62
CA GLY A 266 -8.75 -17.19 12.28
C GLY A 266 -7.73 -17.91 13.13
N TYR A 267 -6.72 -17.23 13.66
CA TYR A 267 -5.71 -17.96 14.43
C TYR A 267 -6.31 -18.61 15.72
N GLN A 268 -7.46 -18.08 16.17
CA GLN A 268 -8.18 -18.58 17.31
C GLN A 268 -8.71 -19.98 17.14
N MET A 269 -8.79 -20.48 15.93
CA MET A 269 -9.12 -21.91 15.69
C MET A 269 -8.00 -22.84 16.25
N PHE A 270 -6.83 -22.29 16.58
CA PHE A 270 -5.68 -23.04 17.02
C PHE A 270 -5.28 -22.60 18.35
N ASN A 271 -4.49 -23.42 19.02
CA ASN A 271 -3.93 -23.00 20.32
C ASN A 271 -2.59 -22.23 20.11
N VAL A 272 -2.72 -20.97 19.71
CA VAL A 272 -1.59 -20.16 19.36
C VAL A 272 -1.96 -18.71 19.62
N GLU A 273 -0.99 -17.93 20.09
CA GLU A 273 -1.06 -16.52 20.15
C GLU A 273 0.10 -15.94 19.33
N PRO A 274 -0.20 -15.42 18.16
CA PRO A 274 0.93 -14.89 17.30
C PRO A 274 1.52 -13.66 17.89
N GLU A 275 2.78 -13.36 17.57
CA GLU A 275 3.37 -12.11 17.91
C GLU A 275 2.95 -10.94 16.95
N LEU A 276 2.53 -11.33 15.73
CA LEU A 276 2.21 -10.44 14.62
C LEU A 276 0.97 -10.94 13.96
N VAL A 277 0.03 -10.02 13.73
CA VAL A 277 -1.23 -10.32 13.02
C VAL A 277 -1.38 -9.28 11.92
N THR A 278 -1.57 -9.74 10.69
CA THR A 278 -1.75 -8.82 9.57
C THR A 278 -3.18 -8.95 9.01
N MET A 279 -3.64 -7.89 8.35
CA MET A 279 -5.01 -7.77 7.91
C MET A 279 -5.07 -6.79 6.78
N GLY A 280 -6.16 -6.84 6.05
CA GLY A 280 -6.29 -5.97 4.87
C GLY A 280 -7.80 -6.08 4.52
N LYS A 281 -8.07 -6.72 3.37
CA LYS A 281 -9.43 -6.84 2.70
C LYS A 281 -10.66 -6.13 3.27
N PRO A 282 -11.44 -6.86 4.10
CA PRO A 282 -12.65 -6.33 4.63
C PRO A 282 -12.52 -5.15 5.41
N MET A 283 -11.33 -4.85 5.95
CA MET A 283 -11.35 -3.95 7.08
C MET A 283 -12.00 -2.57 6.89
N GLY A 284 -11.90 -2.01 5.67
CA GLY A 284 -12.54 -0.74 5.33
C GLY A 284 -13.70 -0.88 4.35
N ASN A 285 -14.26 -2.07 4.22
CA ASN A 285 -15.35 -2.35 3.24
C ASN A 285 -14.94 -2.13 1.76
N GLY A 286 -13.66 -2.05 1.49
CA GLY A 286 -13.20 -1.58 0.15
C GLY A 286 -12.24 -0.44 0.11
N HIS A 287 -12.25 0.30 1.18
CA HIS A 287 -11.25 1.35 1.39
C HIS A 287 -9.88 0.73 1.54
N PRO A 288 -8.83 1.32 0.93
CA PRO A 288 -7.48 0.72 1.08
C PRO A 288 -6.90 0.88 2.47
N ILE A 289 -7.00 -0.16 3.29
CA ILE A 289 -6.48 -0.11 4.66
C ILE A 289 -5.92 -1.55 4.87
N GLY A 290 -4.81 -1.60 5.59
CA GLY A 290 -4.33 -2.81 6.22
C GLY A 290 -3.79 -2.50 7.60
N ALA A 291 -3.32 -3.53 8.27
CA ALA A 291 -2.67 -3.32 9.53
C ALA A 291 -1.76 -4.44 9.92
N VAL A 292 -0.85 -4.11 10.83
CA VAL A 292 -0.03 -5.09 11.57
C VAL A 292 -0.38 -4.84 13.08
N VAL A 293 -0.91 -5.85 13.73
CA VAL A 293 -1.13 -5.79 15.21
C VAL A 293 -0.05 -6.61 15.86
N THR A 294 0.53 -6.05 16.92
CA THR A 294 1.70 -6.64 17.51
C THR A 294 1.80 -6.30 19.02
N THR A 295 2.95 -6.63 19.59
CA THR A 295 3.19 -6.46 21.03
C THR A 295 3.79 -5.14 21.25
N ALA A 296 3.72 -4.70 22.50
CA ALA A 296 4.41 -3.45 22.90
C ALA A 296 5.90 -3.53 22.69
N GLU A 297 6.49 -4.67 23.03
CA GLU A 297 7.90 -4.85 22.89
C GLU A 297 8.36 -4.78 21.43
N LEU A 298 7.61 -5.43 20.51
CA LEU A 298 7.97 -5.40 19.10
C LEU A 298 7.78 -4.03 18.44
N LEU A 299 6.69 -3.35 18.72
CA LEU A 299 6.48 -1.99 18.17
C LEU A 299 7.55 -0.99 18.73
N ASP A 300 7.80 -1.04 20.03
CA ASP A 300 8.73 -0.13 20.61
C ASP A 300 10.15 -0.31 20.00
N GLU A 301 10.59 -1.56 19.85
CA GLU A 301 11.88 -1.87 19.31
C GLU A 301 12.00 -1.37 17.89
N PHE A 302 10.99 -1.70 17.07
CA PHE A 302 11.03 -1.25 15.68
C PHE A 302 11.04 0.25 15.54
N GLY A 303 10.24 0.93 16.33
CA GLY A 303 10.27 2.39 16.36
C GLY A 303 11.58 3.00 16.86
N ARG A 304 12.27 2.34 17.77
CA ARG A 304 13.61 2.87 18.23
C ARG A 304 14.64 2.75 17.10
N HIS A 305 14.47 1.77 16.22
CA HIS A 305 15.49 1.43 15.21
C HIS A 305 15.23 2.03 13.82
N ASN A 306 14.05 2.60 13.60
CA ASN A 306 13.67 3.03 12.27
C ASN A 306 12.81 4.23 12.40
N MET A 307 13.03 5.24 11.57
CA MET A 307 12.10 6.36 11.48
C MET A 307 11.02 5.93 10.45
N PHE A 308 10.08 5.11 10.93
CA PHE A 308 9.08 4.48 10.08
C PHE A 308 7.88 5.42 9.95
N PHE A 309 7.46 5.63 8.69
CA PHE A 309 6.29 6.50 8.41
C PHE A 309 5.65 6.00 7.12
N ASN A 310 4.32 5.95 7.13
CA ASN A 310 3.52 5.61 5.97
C ASN A 310 2.56 6.76 5.75
N THR A 311 2.72 7.52 4.63
CA THR A 311 1.97 8.79 4.45
C THR A 311 0.44 8.72 4.65
N PHE A 312 -0.20 7.76 4.00
CA PHE A 312 -1.70 7.63 4.00
C PHE A 312 -2.21 6.83 5.19
N ALA A 313 -1.32 6.01 5.78
CA ALA A 313 -1.73 5.15 6.91
C ALA A 313 -2.27 5.98 8.09
N GLY A 314 -3.41 5.54 8.58
CA GLY A 314 -3.95 6.17 9.75
C GLY A 314 -4.49 7.55 9.48
N ASN A 315 -4.72 7.89 8.23
CA ASN A 315 -5.38 9.16 7.99
C ASN A 315 -6.80 9.10 8.54
N PRO A 316 -7.42 10.24 8.81
CA PRO A 316 -8.75 10.25 9.45
C PRO A 316 -9.86 9.53 8.64
N VAL A 317 -9.81 9.64 7.32
CA VAL A 317 -10.86 9.04 6.45
C VAL A 317 -10.78 7.52 6.44
N SER A 318 -9.55 6.97 6.36
CA SER A 318 -9.36 5.55 6.48
C SER A 318 -9.83 5.03 7.84
N SER A 319 -9.53 5.79 8.90
CA SER A 319 -9.95 5.43 10.23
C SER A 319 -11.47 5.47 10.34
N ALA A 320 -12.12 6.50 9.72
CA ALA A 320 -13.59 6.58 9.73
C ALA A 320 -14.19 5.36 9.07
N ALA A 321 -13.57 4.91 7.96
CA ALA A 321 -14.09 3.78 7.29
C ALA A 321 -13.98 2.51 8.14
N GLY A 322 -12.81 2.30 8.70
CA GLY A 322 -12.59 1.14 9.57
C GLY A 322 -13.52 1.13 10.80
N LEU A 323 -13.72 2.32 11.40
CA LEU A 323 -14.59 2.41 12.55
C LEU A 323 -16.01 2.02 12.17
N ALA A 324 -16.45 2.51 11.02
CA ALA A 324 -17.84 2.25 10.56
C ALA A 324 -18.07 0.78 10.31
N VAL A 325 -17.06 0.09 9.78
CA VAL A 325 -17.13 -1.36 9.59
C VAL A 325 -17.27 -2.12 10.92
N LEU A 326 -16.42 -1.80 11.87
CA LEU A 326 -16.50 -2.42 13.17
C LEU A 326 -17.85 -2.12 13.85
N ARG A 327 -18.31 -0.88 13.75
CA ARG A 327 -19.56 -0.50 14.41
C ARG A 327 -20.71 -1.25 13.83
N TYR A 328 -20.73 -1.33 12.52
CA TYR A 328 -21.78 -2.04 11.86
C TYR A 328 -21.80 -3.53 12.14
N MET A 329 -20.62 -4.19 12.04
CA MET A 329 -20.53 -5.60 12.43
C MET A 329 -21.07 -5.87 13.84
N ASP A 330 -20.64 -5.03 14.80
CA ASP A 330 -21.06 -5.16 16.20
C ASP A 330 -22.61 -4.96 16.33
N GLN A 331 -23.13 -3.84 15.87
CA GLN A 331 -24.60 -3.54 15.91
C GLN A 331 -25.45 -4.59 15.26
N GLU A 332 -25.05 -5.17 14.11
CA GLU A 332 -25.81 -6.20 13.46
C GLU A 332 -25.45 -7.64 13.84
N ASP A 333 -24.58 -7.80 14.84
CA ASP A 333 -24.27 -9.09 15.39
C ASP A 333 -23.76 -10.08 14.31
N LEU A 334 -22.98 -9.56 13.37
CA LEU A 334 -22.67 -10.34 12.17
C LEU A 334 -21.80 -11.53 12.47
N MET A 335 -20.87 -11.40 13.41
CA MET A 335 -19.96 -12.54 13.69
C MET A 335 -20.73 -13.75 14.27
N ALA A 336 -21.55 -13.50 15.27
CA ALA A 336 -22.38 -14.54 15.89
C ALA A 336 -23.36 -15.15 14.85
N LYS A 337 -23.87 -14.30 13.96
CA LYS A 337 -24.74 -14.77 12.87
C LYS A 337 -24.01 -15.68 11.92
N ALA A 338 -22.76 -15.35 11.59
CA ALA A 338 -21.92 -16.18 10.75
C ALA A 338 -21.61 -17.54 11.36
N ASP A 339 -21.41 -17.60 12.67
CA ASP A 339 -21.17 -18.82 13.34
C ASP A 339 -22.41 -19.77 13.26
N GLN A 340 -23.57 -19.23 13.59
CA GLN A 340 -24.85 -20.03 13.50
C GLN A 340 -25.11 -20.48 12.04
N LEU A 341 -25.03 -19.56 11.11
CA LEU A 341 -25.27 -19.83 9.66
C LEU A 341 -24.22 -20.78 9.09
N GLY A 342 -22.95 -20.58 9.51
CA GLY A 342 -21.92 -21.54 9.15
C GLY A 342 -22.18 -22.98 9.51
N LYS A 343 -22.70 -23.19 10.71
CA LYS A 343 -23.06 -24.53 11.14
C LYS A 343 -24.17 -25.16 10.28
N TYR A 344 -25.19 -24.39 9.95
CA TYR A 344 -26.28 -24.77 9.06
C TYR A 344 -25.73 -25.11 7.69
N ILE A 345 -24.88 -24.23 7.13
CA ILE A 345 -24.31 -24.48 5.82
C ILE A 345 -23.47 -25.76 5.81
N ARG A 346 -22.68 -25.97 6.85
CA ARG A 346 -21.86 -27.21 6.95
C ARG A 346 -22.72 -28.46 6.93
N LYS A 347 -23.82 -28.45 7.66
CA LYS A 347 -24.76 -29.63 7.65
C LYS A 347 -25.31 -29.87 6.27
N ARG A 348 -25.71 -28.79 5.58
CA ARG A 348 -26.18 -28.94 4.20
C ARG A 348 -25.13 -29.43 3.24
N LEU A 349 -23.93 -28.86 3.33
CA LEU A 349 -22.83 -29.34 2.50
C LEU A 349 -22.46 -30.77 2.76
N GLU A 350 -22.51 -31.21 4.02
CA GLU A 350 -22.25 -32.66 4.31
C GLU A 350 -23.31 -33.61 3.64
N ASN A 351 -24.55 -33.18 3.65
CA ASN A 351 -25.59 -33.89 2.93
C ASN A 351 -25.25 -33.93 1.44
N ILE A 352 -24.81 -32.80 0.90
CA ILE A 352 -24.48 -32.74 -0.54
C ILE A 352 -23.34 -33.66 -0.84
N ALA A 353 -22.32 -33.67 0.03
CA ALA A 353 -21.14 -34.46 -0.24
C ALA A 353 -21.45 -35.96 -0.16
N GLN A 354 -22.26 -36.36 0.80
CA GLN A 354 -22.63 -37.77 1.01
C GLN A 354 -23.30 -38.32 -0.25
N ARG A 355 -24.16 -37.53 -0.86
CA ARG A 355 -24.91 -38.02 -1.98
C ARG A 355 -24.28 -37.77 -3.37
N SER A 356 -23.32 -36.83 -3.52
CA SER A 356 -22.74 -36.55 -4.83
C SER A 356 -21.40 -37.25 -4.97
N GLY A 357 -21.29 -38.05 -6.03
CA GLY A 357 -20.03 -38.68 -6.36
C GLY A 357 -19.03 -37.67 -6.95
N ASN A 358 -19.48 -36.44 -7.27
CA ASN A 358 -18.53 -35.43 -7.74
C ASN A 358 -18.02 -34.53 -6.57
N VAL A 359 -18.38 -34.86 -5.31
CA VAL A 359 -17.92 -34.07 -4.15
C VAL A 359 -17.13 -34.91 -3.21
N GLY A 360 -15.93 -34.46 -2.83
CA GLY A 360 -15.11 -35.12 -1.82
C GLY A 360 -15.50 -34.65 -0.42
N SER A 361 -14.74 -33.71 0.13
CA SER A 361 -14.95 -33.28 1.53
C SER A 361 -15.54 -31.85 1.63
N VAL A 362 -16.18 -31.62 2.76
CA VAL A 362 -16.68 -30.33 3.11
C VAL A 362 -15.59 -29.60 3.90
N ARG A 363 -15.37 -28.34 3.57
CA ARG A 363 -14.20 -27.62 4.11
C ARG A 363 -14.59 -26.26 4.60
N GLY A 364 -13.83 -25.75 5.55
CA GLY A 364 -13.95 -24.37 6.00
C GLY A 364 -14.75 -24.25 7.25
N ARG A 365 -15.23 -23.03 7.50
CA ARG A 365 -15.87 -22.71 8.76
C ARG A 365 -16.59 -21.35 8.63
N GLY A 366 -17.70 -21.14 9.33
CA GLY A 366 -18.32 -19.88 9.34
C GLY A 366 -18.81 -19.56 7.95
N LEU A 367 -18.47 -18.39 7.44
CA LEU A 367 -18.84 -18.05 6.08
C LEU A 367 -17.69 -18.13 5.09
N PHE A 368 -16.74 -19.02 5.32
CA PHE A 368 -15.75 -19.38 4.31
C PHE A 368 -15.89 -20.86 4.20
N PHE A 369 -16.54 -21.28 3.12
CA PHE A 369 -16.91 -22.67 3.00
CA PHE A 369 -16.90 -22.69 2.97
C PHE A 369 -16.52 -23.16 1.61
N GLY A 370 -16.19 -24.43 1.51
CA GLY A 370 -15.90 -25.02 0.23
C GLY A 370 -16.10 -26.52 0.18
N ILE A 371 -16.05 -27.04 -1.05
CA ILE A 371 -16.06 -28.45 -1.31
C ILE A 371 -15.09 -28.74 -2.44
N ASP A 372 -14.40 -29.86 -2.31
CA ASP A 372 -13.55 -30.32 -3.36
C ASP A 372 -14.37 -31.14 -4.38
N ILE A 373 -14.13 -30.84 -5.63
CA ILE A 373 -14.90 -31.40 -6.77
C ILE A 373 -14.00 -32.45 -7.44
N ILE A 374 -14.56 -33.67 -7.55
CA ILE A 374 -13.79 -34.83 -7.98
C ILE A 374 -14.56 -35.61 -9.10
N GLU A 375 -13.82 -36.48 -9.76
CA GLU A 375 -14.41 -37.39 -10.78
C GLU A 375 -15.24 -38.40 -10.02
N SER A 376 -16.34 -38.84 -10.67
CA SER A 376 -17.28 -39.78 -10.06
C SER A 376 -16.99 -41.22 -10.47
N ASP A 377 -15.92 -41.44 -11.21
CA ASP A 377 -15.56 -42.78 -11.72
C ASP A 377 -14.95 -43.77 -10.71
N GLY A 378 -14.95 -43.43 -9.41
CA GLY A 378 -14.24 -44.22 -8.38
C GLY A 378 -12.77 -43.85 -8.13
N SER A 379 -12.12 -43.08 -9.03
CA SER A 379 -10.74 -42.63 -8.82
C SER A 379 -10.60 -41.55 -7.73
N ARG A 380 -11.69 -40.83 -7.41
CA ARG A 380 -11.62 -39.62 -6.55
C ARG A 380 -10.56 -38.58 -7.04
N ASN A 381 -10.29 -38.53 -8.35
CA ASN A 381 -9.28 -37.60 -8.86
C ASN A 381 -9.88 -36.16 -8.87
N PRO A 382 -9.02 -35.15 -8.61
CA PRO A 382 -9.48 -33.76 -8.69
C PRO A 382 -10.00 -33.49 -10.04
N ALA A 383 -11.16 -32.82 -10.14
CA ALA A 383 -11.80 -32.50 -11.42
C ALA A 383 -11.88 -31.00 -11.68
N PRO A 384 -10.78 -30.37 -12.07
CA PRO A 384 -10.83 -28.96 -12.35
C PRO A 384 -11.78 -28.59 -13.38
N ALA A 385 -11.89 -29.37 -14.46
CA ALA A 385 -12.79 -28.97 -15.51
C ALA A 385 -14.26 -28.91 -15.05
N LEU A 386 -14.68 -29.90 -14.26
CA LEU A 386 -16.05 -29.95 -13.72
C LEU A 386 -16.27 -28.75 -12.75
N THR A 387 -15.19 -28.39 -12.05
CA THR A 387 -15.27 -27.24 -11.13
C THR A 387 -15.59 -25.98 -11.91
N LYS A 388 -14.90 -25.79 -13.04
CA LYS A 388 -15.16 -24.64 -13.90
C LYS A 388 -16.58 -24.63 -14.43
N ILE A 389 -17.05 -25.79 -14.82
CA ILE A 389 -18.41 -25.92 -15.30
C ILE A 389 -19.35 -25.43 -14.20
N LEU A 390 -19.14 -25.92 -13.00
CA LEU A 390 -20.05 -25.52 -11.89
C LEU A 390 -19.98 -23.98 -11.68
N ILE A 391 -18.76 -23.41 -11.65
CA ILE A 391 -18.60 -21.92 -11.49
C ILE A 391 -19.39 -21.16 -12.53
N GLU A 392 -19.27 -21.60 -13.79
CA GLU A 392 -19.98 -20.93 -14.90
C GLU A 392 -21.49 -21.17 -14.87
N ASP A 393 -21.91 -22.39 -14.56
CA ASP A 393 -23.33 -22.65 -14.40
C ASP A 393 -23.99 -21.84 -13.21
N MET A 394 -23.28 -21.78 -12.11
CA MET A 394 -23.75 -21.01 -10.93
C MET A 394 -23.88 -19.52 -11.37
N ARG A 395 -22.94 -19.01 -12.15
CA ARG A 395 -23.08 -17.62 -12.64
C ARG A 395 -24.34 -17.48 -13.45
N GLU A 396 -24.56 -18.44 -14.34
CA GLU A 396 -25.80 -18.45 -15.15
C GLU A 396 -27.07 -18.42 -14.29
N ARG A 397 -27.03 -19.18 -13.20
CA ARG A 397 -28.16 -19.23 -12.27
C ARG A 397 -28.21 -18.02 -11.34
N GLY A 398 -27.25 -17.11 -11.43
CA GLY A 398 -27.35 -15.86 -10.68
C GLY A 398 -26.62 -15.92 -9.34
N VAL A 399 -25.55 -16.71 -9.26
CA VAL A 399 -24.70 -16.74 -8.05
C VAL A 399 -23.23 -16.70 -8.42
N LEU A 400 -22.50 -15.79 -7.80
CA LEU A 400 -21.05 -15.62 -8.01
C LEU A 400 -20.27 -16.42 -6.99
N ILE A 401 -19.52 -17.41 -7.46
CA ILE A 401 -18.57 -18.19 -6.67
C ILE A 401 -17.28 -18.39 -7.45
N SER A 402 -16.28 -19.02 -6.87
CA SER A 402 -14.98 -19.20 -7.51
C SER A 402 -14.35 -20.46 -6.99
N ARG A 403 -13.04 -20.58 -7.13
CA ARG A 403 -12.37 -21.76 -6.71
C ARG A 403 -10.98 -21.47 -6.29
N VAL A 404 -10.42 -22.40 -5.56
CA VAL A 404 -9.05 -22.35 -5.14
C VAL A 404 -8.43 -23.74 -5.14
N GLY A 405 -7.13 -23.76 -4.80
CA GLY A 405 -6.42 -25.00 -4.47
C GLY A 405 -5.41 -25.34 -5.57
N PRO A 406 -4.40 -26.14 -5.24
CA PRO A 406 -3.34 -26.50 -6.18
C PRO A 406 -3.82 -27.32 -7.37
N HIS A 407 -4.93 -28.03 -7.23
CA HIS A 407 -5.57 -28.71 -8.37
C HIS A 407 -6.72 -27.96 -8.93
N ASP A 408 -6.97 -26.73 -8.45
CA ASP A 408 -8.01 -25.90 -9.04
C ASP A 408 -9.45 -26.50 -9.02
N ASN A 409 -9.72 -27.22 -7.96
CA ASN A 409 -10.96 -27.97 -7.83
C ASN A 409 -11.71 -27.77 -6.53
N VAL A 410 -11.39 -26.73 -5.74
CA VAL A 410 -12.11 -26.48 -4.49
C VAL A 410 -12.99 -25.28 -4.70
N LEU A 411 -14.30 -25.51 -4.75
CA LEU A 411 -15.20 -24.34 -4.82
C LEU A 411 -15.01 -23.46 -3.60
N LYS A 412 -14.94 -22.13 -3.80
CA LYS A 412 -14.68 -21.18 -2.73
C LYS A 412 -15.93 -20.23 -2.62
N MET A 413 -16.62 -20.27 -1.46
CA MET A 413 -17.79 -19.44 -1.19
C MET A 413 -17.49 -18.65 0.06
N ARG A 414 -17.62 -17.33 -0.10
CA ARG A 414 -17.03 -16.38 0.88
C ARG A 414 -17.76 -15.10 0.70
N PRO A 415 -19.04 -15.08 1.09
CA PRO A 415 -19.87 -13.90 0.75
C PRO A 415 -19.65 -12.72 1.69
N PRO A 416 -20.15 -11.54 1.34
CA PRO A 416 -20.27 -10.48 2.37
C PRO A 416 -20.83 -10.99 3.67
N LEU A 417 -20.35 -10.48 4.81
CA LEU A 417 -20.78 -11.03 6.07
C LEU A 417 -22.27 -10.68 6.50
N VAL A 418 -22.94 -9.86 5.68
CA VAL A 418 -24.35 -9.66 5.83
C VAL A 418 -25.20 -10.72 5.16
N PHE A 419 -24.60 -11.72 4.55
CA PHE A 419 -25.30 -12.88 3.92
C PHE A 419 -26.00 -13.65 4.99
N GLY A 420 -27.30 -13.83 4.87
CA GLY A 420 -28.11 -14.60 5.82
C GLY A 420 -28.69 -15.89 5.27
N ARG A 421 -29.56 -16.47 6.08
CA ARG A 421 -30.09 -17.77 5.84
C ARG A 421 -30.82 -17.89 4.53
N GLU A 422 -31.62 -16.87 4.21
CA GLU A 422 -32.33 -16.85 2.90
C GLU A 422 -31.37 -16.90 1.76
N HIS A 423 -30.25 -16.20 1.92
CA HIS A 423 -29.21 -16.21 0.87
C HIS A 423 -28.52 -17.54 0.79
N ALA A 424 -28.20 -18.13 1.94
CA ALA A 424 -27.61 -19.44 1.96
C ALA A 424 -28.49 -20.49 1.24
N ASP A 425 -29.81 -20.39 1.49
CA ASP A 425 -30.74 -21.39 0.87
C ASP A 425 -30.79 -21.22 -0.65
N ILE A 426 -30.72 -19.99 -1.10
CA ILE A 426 -30.66 -19.75 -2.56
C ILE A 426 -29.38 -20.37 -3.14
N LEU A 427 -28.23 -20.03 -2.56
CA LEU A 427 -26.95 -20.54 -3.04
C LEU A 427 -26.84 -22.05 -3.02
N LEU A 428 -27.21 -22.67 -1.87
CA LEU A 428 -27.07 -24.06 -1.73
C LEU A 428 -28.04 -24.83 -2.65
N GLY A 429 -29.25 -24.33 -2.78
CA GLY A 429 -30.23 -24.97 -3.73
C GLY A 429 -29.70 -24.90 -5.17
N GLN A 430 -29.19 -23.76 -5.60
CA GLN A 430 -28.63 -23.66 -6.95
C GLN A 430 -27.40 -24.55 -7.10
N LEU A 431 -26.59 -24.67 -6.06
CA LEU A 431 -25.42 -25.54 -6.11
C LEU A 431 -25.82 -27.00 -6.30
N GLU A 432 -26.84 -27.44 -5.56
CA GLU A 432 -27.40 -28.81 -5.73
C GLU A 432 -27.88 -29.13 -7.12
N LEU A 433 -28.66 -28.21 -7.67
CA LEU A 433 -29.15 -28.35 -9.01
C LEU A 433 -27.99 -28.35 -10.04
N SER A 434 -26.98 -27.52 -9.77
CA SER A 434 -25.83 -27.43 -10.64
C SER A 434 -25.04 -28.72 -10.58
N LEU A 435 -24.84 -29.29 -9.40
CA LEU A 435 -24.17 -30.56 -9.27
C LEU A 435 -24.97 -31.64 -10.01
N ALA A 436 -26.30 -31.62 -9.88
CA ALA A 436 -27.11 -32.66 -10.47
C ALA A 436 -27.02 -32.64 -12.00
N SER A 437 -26.67 -31.50 -12.60
CA SER A 437 -26.50 -31.36 -14.06
C SER A 437 -25.18 -31.87 -14.66
N LEU A 438 -24.23 -32.25 -13.83
CA LEU A 438 -22.97 -32.78 -14.35
C LEU A 438 -23.18 -34.22 -14.96
N PRO A 439 -22.26 -34.72 -15.76
CA PRO A 439 -22.47 -36.07 -16.35
C PRO A 439 -22.22 -37.34 -15.45
N GLN A 440 -22.57 -38.53 -15.99
CA GLN A 440 -22.04 -39.90 -15.61
C GLN A 440 -22.68 -40.51 -14.37
N ASP B 18 -6.71 13.63 26.98
CA ASP B 18 -5.58 12.67 27.07
C ASP B 18 -5.22 12.11 25.66
N LEU B 19 -5.35 12.90 24.57
CA LEU B 19 -5.20 12.34 23.20
C LEU B 19 -3.80 11.77 22.91
N LEU B 20 -2.77 12.54 23.26
CA LEU B 20 -1.37 12.12 23.13
C LEU B 20 -1.14 10.77 23.84
N ALA B 21 -1.63 10.64 25.08
CA ALA B 21 -1.38 9.40 25.86
C ALA B 21 -2.02 8.21 25.14
N ARG B 22 -3.28 8.43 24.73
CA ARG B 22 -4.06 7.43 24.06
C ARG B 22 -3.38 6.96 22.74
N ARG B 23 -2.81 7.92 21.98
CA ARG B 23 -2.05 7.61 20.80
C ARG B 23 -0.84 6.73 21.15
N TYR B 24 -0.10 7.15 22.17
CA TYR B 24 1.11 6.40 22.60
C TYR B 24 0.82 4.95 23.09
N ALA B 25 -0.35 4.74 23.69
CA ALA B 25 -0.82 3.42 24.12
C ALA B 25 -1.25 2.49 22.94
N THR B 26 -1.39 3.04 21.71
CA THR B 26 -1.94 2.25 20.58
C THR B 26 -0.99 2.17 19.37
N ILE B 27 -0.73 3.31 18.78
CA ILE B 27 0.18 3.38 17.66
C ILE B 27 1.63 3.74 18.11
N GLY B 28 1.82 4.06 19.40
CA GLY B 28 3.13 4.16 20.03
C GLY B 28 3.70 5.57 19.94
N PRO B 29 4.82 5.79 20.66
CA PRO B 29 5.43 7.12 20.82
C PRO B 29 6.45 7.47 19.73
N HIS B 30 6.78 6.52 18.84
CA HIS B 30 7.83 6.77 17.82
C HIS B 30 7.23 7.32 16.54
N SER B 31 5.97 6.97 16.26
CA SER B 31 5.33 7.46 15.00
C SER B 31 5.47 8.97 14.99
N PRO B 32 6.12 9.56 13.94
CA PRO B 32 6.54 10.98 14.14
C PRO B 32 5.38 11.97 14.33
N LEU B 33 5.67 13.06 15.09
CA LEU B 33 4.78 14.21 15.26
C LEU B 33 5.61 15.49 15.04
N PHE B 34 5.03 16.49 14.35
CA PHE B 34 5.69 17.77 14.12
C PHE B 34 5.60 18.60 15.40
N TYR B 35 6.62 19.48 15.57
CA TYR B 35 6.69 20.54 16.59
C TYR B 35 7.06 20.03 17.97
N ARG B 36 7.60 20.94 18.78
CA ARG B 36 7.92 20.59 20.19
C ARG B 36 6.66 20.13 20.90
N GLN B 37 5.58 20.90 20.75
CA GLN B 37 4.26 20.54 21.30
C GLN B 37 3.40 20.04 20.10
N PRO B 38 3.05 18.73 20.06
CA PRO B 38 2.23 18.22 18.92
C PRO B 38 0.91 19.01 18.72
N LEU B 39 0.58 19.37 17.49
CA LEU B 39 -0.68 20.09 17.18
C LEU B 39 -1.81 19.11 16.87
N GLU B 40 -2.96 19.36 17.48
CA GLU B 40 -4.18 18.64 17.09
C GLU B 40 -5.00 19.45 16.07
N LEU B 41 -5.04 18.97 14.82
CA LEU B 41 -5.83 19.64 13.79
C LEU B 41 -7.13 18.91 13.58
N VAL B 42 -8.22 19.64 13.80
CA VAL B 42 -9.54 19.09 13.79
C VAL B 42 -10.38 19.37 12.54
N SER B 43 -10.03 20.41 11.77
CA SER B 43 -10.76 20.65 10.51
C SER B 43 -9.95 21.52 9.58
N GLY B 44 -10.35 21.55 8.32
CA GLY B 44 -9.70 22.40 7.35
C GLY B 44 -10.64 22.74 6.24
N SER B 45 -10.27 23.78 5.50
CA SER B 45 -11.06 24.17 4.36
C SER B 45 -10.12 24.91 3.40
N GLY B 46 -9.91 24.36 2.20
CA GLY B 46 -8.96 24.95 1.25
C GLY B 46 -7.54 24.96 1.76
N VAL B 47 -7.00 26.15 2.05
CA VAL B 47 -5.70 26.32 2.60
C VAL B 47 -5.69 26.59 4.12
N TRP B 48 -6.85 26.57 4.74
CA TRP B 48 -6.96 26.93 6.18
C TRP B 48 -7.17 25.69 7.05
N LEU B 49 -6.47 25.60 8.17
CA LEU B 49 -6.62 24.50 9.15
C LEU B 49 -6.96 25.11 10.51
N THR B 50 -7.70 24.39 11.35
CA THR B 50 -8.06 24.82 12.69
C THR B 50 -7.65 23.76 13.70
N ASP B 51 -7.02 24.17 14.81
CA ASP B 51 -6.58 23.23 15.81
C ASP B 51 -7.67 23.08 16.87
N ALA B 52 -7.44 22.16 17.82
CA ALA B 52 -8.46 21.87 18.86
C ALA B 52 -8.78 23.07 19.77
N GLN B 53 -7.86 24.02 19.89
CA GLN B 53 -8.10 25.26 20.64
C GLN B 53 -8.83 26.33 19.77
N GLY B 54 -9.10 26.07 18.49
CA GLY B 54 -9.73 27.08 17.61
C GLY B 54 -8.79 28.06 16.93
N LYS B 55 -7.47 27.85 17.04
CA LYS B 55 -6.52 28.69 16.32
C LYS B 55 -6.50 28.26 14.82
N VAL B 56 -6.44 29.25 13.94
CA VAL B 56 -6.48 29.03 12.49
C VAL B 56 -5.11 29.22 11.90
N TYR B 57 -4.70 28.33 11.01
CA TYR B 57 -3.42 28.36 10.40
C TYR B 57 -3.56 28.36 8.86
N LEU B 58 -2.66 29.09 8.20
CA LEU B 58 -2.40 28.90 6.79
C LEU B 58 -1.52 27.66 6.59
N ASP B 59 -1.99 26.78 5.71
CA ASP B 59 -1.20 25.61 5.33
C ASP B 59 -0.15 25.99 4.26
N GLY B 60 1.09 26.10 4.68
CA GLY B 60 2.23 26.24 3.75
C GLY B 60 3.03 24.99 3.51
N TYR B 61 2.51 23.80 3.85
CA TYR B 61 3.32 22.61 3.93
C TYR B 61 2.78 21.38 3.26
N ASN B 62 1.48 21.14 3.36
CA ASN B 62 0.93 19.85 2.96
C ASN B 62 0.56 19.73 1.47
N ASN B 63 1.18 18.76 0.81
CA ASN B 63 0.90 18.50 -0.58
C ASN B 63 -0.08 17.41 -0.83
N VAL B 64 -0.43 16.63 0.20
CA VAL B 64 -1.44 15.62 0.02
C VAL B 64 -2.78 16.17 -0.35
N PRO B 65 -3.29 17.18 0.37
CA PRO B 65 -4.55 17.81 -0.06
C PRO B 65 -4.26 18.80 -1.27
N HIS B 66 -3.88 18.20 -2.37
CA HIS B 66 -3.50 18.89 -3.57
C HIS B 66 -4.51 19.97 -4.01
N VAL B 67 -5.78 19.65 -3.95
CA VAL B 67 -6.86 20.53 -4.36
C VAL B 67 -7.63 21.09 -3.16
N GLY B 68 -6.98 21.11 -2.03
CA GLY B 68 -7.48 21.75 -0.80
C GLY B 68 -8.09 20.82 0.20
N HIS B 69 -8.00 21.20 1.47
CA HIS B 69 -8.67 20.52 2.53
C HIS B 69 -10.14 20.48 2.30
N ALA B 70 -10.73 19.30 2.52
CA ALA B 70 -12.17 19.10 2.45
C ALA B 70 -12.76 19.47 1.12
N ASN B 71 -12.01 19.30 0.06
CA ASN B 71 -12.51 19.66 -1.29
C ASN B 71 -13.82 18.88 -1.54
N PRO B 72 -14.94 19.60 -1.81
CA PRO B 72 -16.21 18.92 -1.85
C PRO B 72 -16.44 18.12 -3.14
N ALA B 73 -15.78 18.49 -4.24
CA ALA B 73 -15.89 17.69 -5.46
C ALA B 73 -15.20 16.30 -5.30
N VAL B 74 -14.08 16.28 -4.65
CA VAL B 74 -13.43 15.01 -4.31
C VAL B 74 -14.33 14.25 -3.33
N ALA B 75 -14.86 14.91 -2.29
CA ALA B 75 -15.72 14.22 -1.34
C ALA B 75 -16.97 13.62 -2.00
N ASP B 76 -17.62 14.43 -2.85
CA ASP B 76 -18.80 13.97 -3.55
C ASP B 76 -18.54 12.77 -4.49
N ALA B 77 -17.46 12.81 -5.24
CA ALA B 77 -17.13 11.75 -6.24
C ALA B 77 -16.91 10.42 -5.47
N ILE B 78 -16.24 10.50 -4.32
CA ILE B 78 -16.00 9.32 -3.46
C ILE B 78 -17.32 8.77 -2.93
N TYR B 79 -18.18 9.64 -2.43
CA TYR B 79 -19.43 9.24 -1.80
C TYR B 79 -20.37 8.61 -2.80
N GLN B 80 -20.51 9.25 -3.97
CA GLN B 80 -21.44 8.73 -4.99
C GLN B 80 -20.98 7.35 -5.39
N GLN B 81 -19.71 7.16 -5.56
CA GLN B 81 -19.24 5.83 -5.93
C GLN B 81 -19.35 4.79 -4.80
N LEU B 82 -19.17 5.22 -3.55
CA LEU B 82 -19.43 4.35 -2.39
C LEU B 82 -20.87 3.89 -2.30
N LEU B 83 -21.79 4.65 -2.89
CA LEU B 83 -23.21 4.30 -2.85
C LEU B 83 -23.57 3.44 -4.05
N THR B 84 -22.61 3.10 -4.87
CA THR B 84 -22.85 2.46 -6.13
C THR B 84 -22.26 1.09 -6.06
N VAL B 85 -20.93 0.97 -6.11
CA VAL B 85 -20.27 -0.33 -5.97
C VAL B 85 -18.77 -0.06 -5.76
N ASN B 86 -18.04 -1.00 -5.11
CA ASN B 86 -16.61 -0.77 -4.85
C ASN B 86 -15.73 -2.04 -4.86
N LEU B 87 -15.77 -2.75 -5.97
CA LEU B 87 -15.11 -4.04 -6.09
C LEU B 87 -13.79 -3.94 -6.79
N HIS B 88 -12.95 -4.94 -6.55
CA HIS B 88 -11.66 -5.14 -7.22
C HIS B 88 -11.83 -5.28 -8.74
N THR B 89 -10.68 -5.23 -9.39
CA THR B 89 -10.62 -5.07 -10.86
C THR B 89 -10.79 -6.41 -11.60
N ARG B 90 -11.02 -7.52 -10.87
CA ARG B 90 -11.43 -8.78 -11.54
C ARG B 90 -12.86 -8.81 -12.12
N TYR B 91 -13.62 -7.77 -11.81
CA TYR B 91 -14.82 -7.50 -12.55
C TYR B 91 -14.58 -6.20 -13.26
N LEU B 92 -15.04 -6.12 -14.51
CA LEU B 92 -14.95 -4.87 -15.26
C LEU B 92 -15.74 -3.77 -14.57
N ASN B 93 -15.17 -2.56 -14.60
CA ASN B 93 -15.89 -1.37 -14.12
C ASN B 93 -15.32 -0.13 -14.82
N SER B 94 -16.23 0.81 -15.17
CA SER B 94 -15.82 1.91 -16.05
C SER B 94 -14.91 2.86 -15.33
N ARG B 95 -15.00 2.96 -13.98
CA ARG B 95 -14.31 4.08 -13.32
C ARG B 95 -12.80 4.02 -13.44
N VAL B 96 -12.26 2.82 -13.23
CA VAL B 96 -10.87 2.64 -13.38
C VAL B 96 -10.35 2.93 -14.78
N VAL B 97 -11.14 2.54 -15.76
CA VAL B 97 -10.74 2.80 -17.14
C VAL B 97 -10.76 4.30 -17.48
N GLU B 98 -11.77 5.01 -17.02
CA GLU B 98 -11.86 6.43 -17.15
C GLU B 98 -10.70 7.13 -16.50
N TYR B 99 -10.37 6.70 -15.30
CA TYR B 99 -9.25 7.31 -14.62
C TYR B 99 -7.93 7.07 -15.31
N ALA B 100 -7.67 5.85 -15.69
CA ALA B 100 -6.47 5.49 -16.39
C ALA B 100 -6.34 6.34 -17.65
N GLU B 101 -7.42 6.50 -18.40
CA GLU B 101 -7.39 7.37 -19.61
C GLU B 101 -7.02 8.79 -19.29
N ALA B 102 -7.57 9.34 -18.22
CA ALA B 102 -7.34 10.74 -17.81
C ALA B 102 -5.93 10.93 -17.35
N LEU B 103 -5.44 9.99 -16.53
CA LEU B 103 -4.05 10.08 -16.12
C LEU B 103 -3.05 9.90 -17.26
N LEU B 104 -3.29 8.94 -18.16
CA LEU B 104 -2.32 8.67 -19.19
C LEU B 104 -2.32 9.78 -20.23
N SER B 105 -3.44 10.52 -20.29
CA SER B 105 -3.47 11.72 -21.18
C SER B 105 -2.51 12.81 -20.72
N LYS B 106 -2.02 12.73 -19.49
CA LYS B 106 -0.96 13.67 -19.02
C LYS B 106 0.48 13.26 -19.28
N PHE B 107 0.69 12.22 -20.08
CA PHE B 107 1.98 11.68 -20.41
C PHE B 107 2.14 11.62 -21.93
N ASP B 108 3.36 11.85 -22.36
CA ASP B 108 3.74 11.82 -23.75
C ASP B 108 4.77 10.75 -23.99
N GLY B 109 5.13 10.61 -25.26
CA GLY B 109 6.12 9.64 -25.71
C GLY B 109 5.70 8.20 -25.44
N ALA B 110 6.59 7.39 -24.87
CA ALA B 110 6.33 5.98 -24.78
C ALA B 110 5.57 5.65 -23.45
N LEU B 111 5.30 6.67 -22.61
CA LEU B 111 4.59 6.45 -21.33
C LEU B 111 3.10 6.29 -21.56
N GLU B 112 2.65 5.05 -21.68
CA GLU B 112 1.30 4.82 -22.06
C GLU B 112 0.61 3.66 -21.44
N ARG B 113 1.12 3.14 -20.32
CA ARG B 113 0.42 2.09 -19.58
C ARG B 113 0.53 2.41 -18.07
N LEU B 114 -0.30 1.78 -17.30
CA LEU B 114 -0.41 2.15 -15.87
C LEU B 114 -0.54 0.87 -15.05
N PHE B 115 0.14 0.86 -13.90
CA PHE B 115 -0.23 -0.01 -12.78
C PHE B 115 -0.70 0.88 -11.62
N LEU B 116 -1.88 0.61 -11.08
CA LEU B 116 -2.34 1.37 -9.92
C LEU B 116 -1.90 0.68 -8.65
N THR B 117 -1.64 1.47 -7.62
CA THR B 117 -1.25 0.97 -6.26
C THR B 117 -2.03 1.77 -5.23
N ASN B 118 -1.75 1.55 -3.94
CA ASN B 118 -2.38 2.30 -2.84
C ASN B 118 -1.48 3.28 -2.10
N SER B 119 -0.23 3.48 -2.56
CA SER B 119 0.68 4.38 -1.93
C SER B 119 1.91 4.60 -2.84
N GLY B 120 2.66 5.60 -2.46
CA GLY B 120 3.94 5.91 -3.09
C GLY B 120 4.97 4.86 -2.84
N SER B 121 5.03 4.31 -1.61
CA SER B 121 5.90 3.12 -1.40
C SER B 121 5.54 1.92 -2.25
N GLU B 122 4.26 1.55 -2.37
CA GLU B 122 3.89 0.45 -3.17
C GLU B 122 4.31 0.70 -4.67
N ALA B 123 4.14 1.94 -5.13
CA ALA B 123 4.60 2.29 -6.50
C ALA B 123 6.11 2.14 -6.69
N ASN B 124 6.92 2.70 -5.80
CA ASN B 124 8.36 2.57 -5.95
C ASN B 124 8.84 1.15 -5.81
N GLU B 125 8.16 0.39 -4.94
CA GLU B 125 8.48 -1.01 -4.76
C GLU B 125 8.26 -1.74 -6.02
N LEU B 126 7.11 -1.49 -6.66
CA LEU B 126 6.77 -2.21 -7.88
C LEU B 126 7.70 -1.76 -9.05
N ALA B 127 8.01 -0.46 -9.11
CA ALA B 127 8.97 0.06 -10.12
C ALA B 127 10.33 -0.58 -10.02
N LEU B 128 10.88 -0.73 -8.80
CA LEU B 128 12.11 -1.45 -8.67
C LEU B 128 12.05 -2.89 -9.10
N ARG B 129 10.94 -3.57 -8.81
CA ARG B 129 10.73 -4.93 -9.13
C ARG B 129 10.64 -5.15 -10.67
N ILE B 130 9.84 -4.32 -11.33
CA ILE B 130 9.74 -4.31 -12.83
C ILE B 130 11.15 -4.11 -13.35
N ALA B 131 11.94 -3.17 -12.80
CA ALA B 131 13.24 -2.88 -13.37
C ALA B 131 14.24 -4.04 -13.18
N ARG B 132 14.21 -4.65 -11.99
CA ARG B 132 15.09 -5.75 -11.65
C ARG B 132 14.83 -6.91 -12.61
N GLN B 133 13.56 -7.28 -12.80
CA GLN B 133 13.23 -8.34 -13.66
C GLN B 133 13.59 -8.07 -15.12
N HIS B 134 13.32 -6.87 -15.57
CA HIS B 134 13.57 -6.50 -16.95
C HIS B 134 15.07 -6.47 -17.27
N THR B 135 15.85 -5.88 -16.39
CA THR B 135 17.25 -5.60 -16.65
C THR B 135 18.10 -6.83 -16.42
N GLY B 136 17.65 -7.75 -15.56
CA GLY B 136 18.49 -8.83 -15.09
C GLY B 136 19.62 -8.38 -14.18
N ASN B 137 19.54 -7.17 -13.68
CA ASN B 137 20.51 -6.57 -12.78
C ASN B 137 19.85 -6.19 -11.46
N THR B 138 20.65 -5.93 -10.43
CA THR B 138 20.15 -5.46 -9.12
C THR B 138 20.64 -4.13 -8.67
N GLY B 139 21.67 -3.56 -9.32
CA GLY B 139 22.26 -2.33 -8.79
C GLY B 139 21.33 -1.12 -8.85
N VAL B 140 21.39 -0.31 -7.81
CA VAL B 140 20.53 0.89 -7.66
C VAL B 140 21.42 2.11 -7.45
N LEU B 141 21.21 3.13 -8.29
CA LEU B 141 21.75 4.45 -8.02
C LEU B 141 20.71 5.40 -7.44
N VAL B 142 21.01 6.01 -6.30
CA VAL B 142 20.10 6.94 -5.64
C VAL B 142 20.96 8.07 -5.13
N SER B 143 20.31 9.16 -4.80
CA SER B 143 20.99 10.22 -4.10
C SER B 143 21.42 9.84 -2.69
N ASP B 144 22.48 10.49 -2.24
CA ASP B 144 22.97 10.27 -0.89
C ASP B 144 22.17 10.92 0.24
N PHE B 145 21.05 11.56 -0.06
CA PHE B 145 20.17 11.99 1.02
C PHE B 145 18.74 11.98 0.55
N SER B 146 18.23 10.76 0.37
CA SER B 146 16.93 10.61 -0.29
C SER B 146 16.03 9.66 0.54
N TYR B 147 14.76 9.68 0.21
CA TYR B 147 13.74 8.79 0.79
C TYR B 147 12.68 8.48 -0.25
N HIS B 148 12.49 7.18 -0.54
CA HIS B 148 11.56 6.75 -1.56
C HIS B 148 10.49 5.76 -1.05
N GLY B 149 10.48 5.51 0.27
CA GLY B 149 9.42 4.70 0.86
C GLY B 149 9.94 3.70 1.85
N ASN B 150 9.03 2.84 2.29
CA ASN B 150 9.21 2.14 3.56
C ASN B 150 9.13 0.60 3.55
N THR B 151 9.23 -0.02 2.38
CA THR B 151 9.33 -1.44 2.24
C THR B 151 10.74 -1.90 2.59
N THR B 152 10.94 -3.24 2.58
CA THR B 152 12.30 -3.77 2.76
C THR B 152 13.23 -3.31 1.65
N SER B 153 12.83 -3.51 0.41
CA SER B 153 13.69 -3.14 -0.72
C SER B 153 14.02 -1.65 -0.76
N LEU B 154 13.06 -0.81 -0.33
CA LEU B 154 13.34 0.62 -0.24
C LEU B 154 14.16 1.00 0.96
N ALA B 155 13.96 0.30 2.10
CA ALA B 155 14.84 0.52 3.26
C ALA B 155 16.31 0.29 2.95
N GLU B 156 16.60 -0.75 2.17
CA GLU B 156 17.97 -1.09 1.74
C GLU B 156 18.65 -0.03 0.86
N ILE B 157 17.88 0.91 0.32
CA ILE B 157 18.44 1.95 -0.53
C ILE B 157 18.34 3.34 0.11
N THR B 158 17.81 3.41 1.31
CA THR B 158 17.46 4.65 1.95
C THR B 158 18.69 5.35 2.56
N THR B 159 18.91 6.63 2.22
CA THR B 159 20.02 7.40 2.76
C THR B 159 19.64 8.62 3.57
N GLY B 160 18.43 9.13 3.40
CA GLY B 160 18.01 10.41 4.01
C GLY B 160 17.20 10.31 5.28
N LEU B 161 17.04 9.10 5.80
CA LEU B 161 16.35 8.88 7.08
C LEU B 161 16.96 7.63 7.68
N THR B 162 16.82 7.49 9.00
CA THR B 162 17.37 6.36 9.71
C THR B 162 16.59 5.10 9.58
N VAL B 163 17.26 4.04 9.12
CA VAL B 163 16.66 2.71 9.11
C VAL B 163 17.67 1.75 9.66
N HIS B 164 17.21 0.62 10.13
CA HIS B 164 18.07 -0.35 10.73
C HIS B 164 18.89 -1.08 9.66
N GLU B 165 18.33 -1.27 8.48
CA GLU B 165 19.02 -2.01 7.41
C GLU B 165 20.27 -1.23 6.96
N PRO B 166 21.42 -1.88 6.97
CA PRO B 166 22.57 -1.20 6.34
C PRO B 166 22.29 -0.87 4.88
N LEU B 167 22.95 0.15 4.35
CA LEU B 167 22.82 0.43 2.94
C LEU B 167 23.23 -0.82 2.15
N GLY B 168 22.37 -1.28 1.24
CA GLY B 168 22.61 -2.47 0.48
C GLY B 168 23.94 -2.52 -0.30
N ALA B 169 24.55 -3.71 -0.41
CA ALA B 169 25.78 -3.85 -1.22
C ALA B 169 25.53 -3.51 -2.71
N HIS B 170 24.26 -3.65 -3.12
CA HIS B 170 23.83 -3.29 -4.50
C HIS B 170 23.53 -1.83 -4.77
N VAL B 171 23.76 -0.98 -3.81
CA VAL B 171 23.38 0.41 -3.89
C VAL B 171 24.64 1.29 -3.96
N ARG B 172 24.61 2.30 -4.83
CA ARG B 172 25.57 3.38 -4.76
C ARG B 172 24.85 4.68 -4.60
N ALA B 173 25.26 5.43 -3.61
CA ALA B 173 24.66 6.71 -3.28
C ALA B 173 25.45 7.82 -3.95
N LEU B 174 24.76 8.70 -4.66
CA LEU B 174 25.44 9.79 -5.41
C LEU B 174 25.26 11.12 -4.67
N ARG B 175 26.34 11.92 -4.65
CA ARG B 175 26.25 13.33 -4.23
C ARG B 175 25.71 14.14 -5.41
N ILE B 176 24.42 14.45 -5.41
CA ILE B 176 23.80 15.12 -6.57
C ILE B 176 24.34 16.56 -6.55
N PRO B 177 24.84 17.06 -7.70
CA PRO B 177 25.45 18.38 -7.71
C PRO B 177 24.42 19.50 -7.56
N ASP B 178 24.81 20.51 -6.83
CA ASP B 178 24.00 21.71 -6.55
C ASP B 178 24.79 22.96 -6.99
N VAL B 179 24.25 23.72 -7.92
CA VAL B 179 24.96 24.96 -8.36
C VAL B 179 24.66 26.20 -7.47
N SER B 180 23.78 26.04 -6.46
CA SER B 180 23.36 27.20 -5.65
C SER B 180 24.60 27.81 -5.02
N GLY B 181 24.80 29.11 -5.23
CA GLY B 181 25.96 29.83 -4.71
C GLY B 181 27.35 29.53 -5.30
N ILE B 182 27.42 28.78 -6.40
CA ILE B 182 28.72 28.39 -7.02
C ILE B 182 28.91 29.40 -8.16
N ALA B 183 30.13 29.89 -8.37
CA ALA B 183 30.40 30.80 -9.50
C ALA B 183 30.07 30.06 -10.83
N GLU B 184 29.52 30.79 -11.79
CA GLU B 184 29.16 30.17 -13.08
C GLU B 184 30.35 29.48 -13.75
N VAL B 185 31.54 30.05 -13.55
CA VAL B 185 32.71 29.53 -14.21
C VAL B 185 33.06 28.11 -13.72
N ASP B 186 32.67 27.79 -12.47
CA ASP B 186 32.92 26.51 -11.86
C ASP B 186 31.84 25.43 -12.11
N VAL B 187 30.70 25.78 -12.65
CA VAL B 187 29.63 24.82 -12.87
C VAL B 187 30.08 23.71 -13.81
N PRO B 188 30.77 24.05 -14.92
CA PRO B 188 31.13 22.94 -15.84
C PRO B 188 32.06 21.86 -15.21
N VAL B 189 32.99 22.30 -14.35
CA VAL B 189 33.86 21.41 -13.62
C VAL B 189 33.02 20.54 -12.59
N LEU B 190 32.04 21.17 -11.97
CA LEU B 190 31.14 20.44 -11.07
C LEU B 190 30.43 19.34 -11.84
N LEU B 191 29.90 19.70 -13.01
CA LEU B 191 29.17 18.75 -13.83
C LEU B 191 30.08 17.61 -14.20
N GLU B 192 31.28 17.96 -14.66
CA GLU B 192 32.23 16.94 -15.16
C GLU B 192 32.61 15.93 -14.06
N GLN B 193 32.95 16.42 -12.88
CA GLN B 193 33.35 15.59 -11.73
C GLN B 193 32.14 14.70 -11.31
N SER B 194 30.95 15.30 -11.22
CA SER B 194 29.72 14.57 -10.85
C SER B 194 29.44 13.44 -11.79
N LEU B 195 29.58 13.64 -13.09
CA LEU B 195 29.41 12.57 -14.01
C LEU B 195 30.49 11.51 -13.97
N ALA B 196 31.73 11.89 -13.65
CA ALA B 196 32.79 10.88 -13.46
C ALA B 196 32.41 10.00 -12.23
N ASP B 197 31.87 10.64 -11.19
CA ASP B 197 31.36 9.90 -9.99
C ASP B 197 30.29 8.89 -10.33
N VAL B 198 29.40 9.27 -11.23
CA VAL B 198 28.42 8.33 -11.75
C VAL B 198 29.13 7.15 -12.47
N ASP B 199 30.12 7.46 -13.32
CA ASP B 199 30.83 6.39 -14.06
C ASP B 199 31.45 5.44 -13.06
N ALA B 200 32.05 6.00 -12.02
CA ALA B 200 32.74 5.21 -11.03
C ALA B 200 31.75 4.28 -10.25
N ALA B 201 30.59 4.82 -9.95
CA ALA B 201 29.51 4.06 -9.27
C ALA B 201 29.08 2.88 -10.12
N ILE B 202 28.86 3.14 -11.38
CA ILE B 202 28.43 2.13 -12.33
C ILE B 202 29.48 1.03 -12.49
N ALA B 203 30.74 1.43 -12.65
CA ALA B 203 31.85 0.44 -12.80
C ALA B 203 31.98 -0.42 -11.52
N SER B 204 31.82 0.21 -10.36
CA SER B 204 31.82 -0.53 -9.07
C SER B 204 30.67 -1.55 -8.98
N LEU B 205 29.47 -1.15 -9.39
CA LEU B 205 28.34 -2.07 -9.33
C LEU B 205 28.57 -3.26 -10.31
N GLN B 206 29.18 -2.97 -11.46
CA GLN B 206 29.46 -4.02 -12.43
C GLN B 206 30.57 -4.98 -11.98
N ALA B 207 31.61 -4.44 -11.39
CA ALA B 207 32.69 -5.26 -10.87
C ALA B 207 32.20 -6.20 -9.75
N ALA B 208 31.24 -5.69 -8.94
CA ALA B 208 30.73 -6.46 -7.86
C ALA B 208 29.62 -7.40 -8.29
N GLY B 209 29.27 -7.47 -9.58
CA GLY B 209 28.30 -8.44 -10.08
C GLY B 209 26.84 -8.03 -9.97
N HIS B 210 26.55 -6.80 -9.45
CA HIS B 210 25.18 -6.31 -9.35
C HIS B 210 24.66 -5.81 -10.72
N GLY B 211 25.56 -5.23 -11.55
CA GLY B 211 25.15 -4.46 -12.73
C GLY B 211 24.33 -3.24 -12.34
N VAL B 212 23.67 -2.62 -13.32
CA VAL B 212 22.82 -1.48 -13.05
C VAL B 212 21.42 -1.79 -13.43
N SER B 213 20.53 -1.74 -12.45
CA SER B 213 19.09 -1.92 -12.71
C SER B 213 18.42 -0.56 -12.91
N VAL B 214 18.63 0.34 -11.96
CA VAL B 214 17.93 1.64 -12.01
C VAL B 214 18.71 2.84 -11.48
N PHE B 215 18.31 4.03 -11.96
CA PHE B 215 18.59 5.29 -11.30
C PHE B 215 17.22 5.79 -10.91
N LEU B 216 17.05 6.09 -9.63
CA LEU B 216 15.77 6.50 -9.05
C LEU B 216 15.95 7.91 -8.44
N PHE B 217 15.10 8.87 -8.79
CA PHE B 217 15.30 10.21 -8.25
C PHE B 217 13.99 10.97 -8.15
N ASP B 218 13.98 11.88 -7.23
CA ASP B 218 12.97 12.92 -7.08
C ASP B 218 13.49 14.17 -7.89
N PRO B 219 12.77 14.59 -8.95
CA PRO B 219 13.26 15.71 -9.81
C PRO B 219 13.56 16.98 -9.05
N LEU B 220 12.82 17.26 -7.97
CA LEU B 220 13.11 18.46 -7.15
C LEU B 220 14.21 18.30 -6.15
N PHE B 221 14.68 17.06 -5.92
CA PHE B 221 15.74 16.79 -4.95
C PHE B 221 15.44 17.55 -3.65
N SER B 222 14.22 17.37 -3.20
CA SER B 222 13.67 18.06 -2.06
C SER B 222 14.23 17.60 -0.72
N THR B 223 14.22 16.28 -0.45
CA THR B 223 14.81 15.75 0.74
C THR B 223 16.30 16.14 0.89
N GLU B 224 16.95 16.23 -0.26
CA GLU B 224 18.38 16.60 -0.35
C GLU B 224 18.67 18.08 -0.04
N GLY B 225 17.64 18.90 0.06
CA GLY B 225 17.75 20.33 0.29
C GLY B 225 17.39 21.24 -0.89
N LEU B 226 16.57 20.74 -1.82
CA LEU B 226 16.07 21.47 -2.98
C LEU B 226 17.22 21.97 -3.83
N LEU B 227 17.90 21.02 -4.40
CA LEU B 227 19.08 21.27 -5.17
C LEU B 227 18.72 21.87 -6.47
N GLN B 228 19.62 22.71 -6.98
CA GLN B 228 19.54 23.22 -8.38
C GLN B 228 20.67 22.55 -9.14
N LEU B 229 20.31 21.73 -10.12
CA LEU B 229 21.28 20.91 -10.78
C LEU B 229 21.89 21.72 -11.98
N PRO B 230 23.16 21.47 -12.31
CA PRO B 230 23.69 21.91 -13.64
C PRO B 230 22.92 21.26 -14.73
N SER B 231 22.69 21.98 -15.82
CA SER B 231 21.96 21.37 -16.90
C SER B 231 22.87 20.31 -17.57
N GLY B 232 22.27 19.21 -17.95
CA GLY B 232 22.96 18.07 -18.47
C GLY B 232 23.30 16.95 -17.50
N TYR B 233 23.20 17.17 -16.18
CA TYR B 233 23.51 16.10 -15.23
C TYR B 233 22.51 14.93 -15.39
N ILE B 234 21.21 15.22 -15.28
CA ILE B 234 20.21 14.14 -15.38
C ILE B 234 20.29 13.42 -16.76
N GLU B 235 20.38 14.20 -17.84
CA GLU B 235 20.55 13.62 -19.17
C GLU B 235 21.77 12.71 -19.16
N GLY B 236 22.85 13.18 -18.58
CA GLY B 236 24.13 12.43 -18.57
C GLY B 236 24.01 11.11 -17.76
N VAL B 237 23.33 11.18 -16.61
CA VAL B 237 23.11 9.97 -15.79
C VAL B 237 22.28 8.97 -16.62
N ALA B 238 21.18 9.43 -17.23
CA ALA B 238 20.34 8.58 -18.03
C ALA B 238 21.12 7.89 -19.12
N THR B 239 22.00 8.66 -19.81
CA THR B 239 22.79 8.02 -20.84
C THR B 239 23.70 6.89 -20.32
N ARG B 240 24.38 7.14 -19.23
CA ARG B 240 25.29 6.18 -18.67
C ARG B 240 24.56 4.97 -18.10
N VAL B 241 23.41 5.23 -17.48
CA VAL B 241 22.61 4.12 -16.91
C VAL B 241 22.09 3.25 -18.03
N ARG B 242 21.58 3.86 -19.09
CA ARG B 242 21.11 3.06 -20.27
C ARG B 242 22.19 2.28 -21.00
N ALA B 243 23.39 2.86 -21.05
CA ALA B 243 24.55 2.11 -21.62
C ALA B 243 24.94 0.90 -20.75
N ALA B 244 24.69 0.96 -19.44
CA ALA B 244 24.88 -0.19 -18.54
C ALA B 244 23.69 -1.15 -18.48
N GLY B 245 22.64 -0.94 -19.27
CA GLY B 245 21.50 -1.85 -19.38
C GLY B 245 20.45 -1.57 -18.27
N GLY B 246 20.50 -0.38 -17.69
CA GLY B 246 19.54 0.02 -16.63
C GLY B 246 18.45 0.93 -17.10
N LEU B 247 17.50 1.26 -16.17
CA LEU B 247 16.35 2.09 -16.44
C LEU B 247 16.35 3.26 -15.53
N VAL B 248 15.58 4.28 -15.91
CA VAL B 248 15.44 5.51 -15.13
C VAL B 248 14.00 5.61 -14.54
N ILE B 249 13.91 5.82 -13.23
CA ILE B 249 12.61 6.00 -12.57
C ILE B 249 12.56 7.44 -12.00
N SER B 250 11.58 8.19 -12.44
CA SER B 250 11.29 9.50 -11.84
C SER B 250 10.19 9.29 -10.80
N ASP B 251 10.56 9.59 -9.55
CA ASP B 251 9.64 9.53 -8.41
C ASP B 251 9.00 10.87 -8.29
N GLU B 252 7.73 10.93 -8.59
CA GLU B 252 6.97 12.16 -8.69
C GLU B 252 6.11 12.45 -7.47
N VAL B 253 6.39 11.77 -6.35
CA VAL B 253 5.54 11.96 -5.17
C VAL B 253 5.63 13.42 -4.67
N GLN B 254 6.81 14.06 -4.77
CA GLN B 254 6.98 15.46 -4.39
C GLN B 254 6.78 16.45 -5.57
N SER B 255 7.16 16.05 -6.80
CA SER B 255 7.25 17.07 -7.90
C SER B 255 6.08 16.95 -8.84
N GLY B 256 5.17 15.99 -8.61
CA GLY B 256 4.10 15.68 -9.55
C GLY B 256 2.88 16.57 -9.54
N PHE B 257 1.95 16.25 -10.45
CA PHE B 257 0.63 16.86 -10.53
C PHE B 257 0.72 18.40 -10.62
N GLY B 258 1.72 18.87 -11.36
CA GLY B 258 1.85 20.32 -11.61
C GLY B 258 2.48 21.17 -10.54
N ARG B 259 2.99 20.56 -9.48
CA ARG B 259 3.60 21.28 -8.36
C ARG B 259 4.66 22.26 -8.85
N THR B 260 5.41 21.85 -9.87
CA THR B 260 6.55 22.69 -10.37
C THR B 260 6.08 23.87 -11.25
N GLY B 261 4.82 23.85 -11.65
CA GLY B 261 4.26 24.92 -12.46
C GLY B 261 4.57 24.78 -13.94
N SER B 262 5.81 24.47 -14.29
CA SER B 262 6.25 24.55 -15.67
C SER B 262 5.94 23.28 -16.45
N GLY B 263 5.53 22.23 -15.74
CA GLY B 263 5.21 20.94 -16.37
C GLY B 263 4.41 20.10 -15.39
N MET B 264 3.61 19.21 -15.89
CA MET B 264 2.85 18.30 -15.04
C MET B 264 3.76 17.49 -14.14
N TRP B 265 4.87 17.01 -14.71
CA TRP B 265 5.81 16.11 -14.00
C TRP B 265 7.14 16.79 -13.85
N GLY B 266 7.73 16.64 -12.68
CA GLY B 266 9.03 17.16 -12.42
C GLY B 266 10.12 16.73 -13.37
N TYR B 267 10.04 15.51 -13.96
CA TYR B 267 11.12 15.10 -14.83
C TYR B 267 11.21 15.96 -16.12
N GLN B 268 10.11 16.63 -16.45
CA GLN B 268 10.03 17.58 -17.56
C GLN B 268 10.95 18.79 -17.40
N MET B 269 11.46 19.05 -16.20
CA MET B 269 12.50 20.07 -16.00
C MET B 269 13.81 19.71 -16.66
N PHE B 270 13.98 18.44 -17.03
CA PHE B 270 15.23 17.91 -17.51
C PHE B 270 15.00 17.34 -18.88
N ASN B 271 16.07 17.12 -19.61
CA ASN B 271 15.94 16.51 -20.96
C ASN B 271 16.03 14.99 -20.76
N VAL B 272 14.90 14.40 -20.35
CA VAL B 272 14.83 12.97 -20.00
C VAL B 272 13.40 12.49 -20.14
N GLU B 273 13.24 11.30 -20.69
CA GLU B 273 11.98 10.61 -20.71
C GLU B 273 12.24 9.29 -19.94
N PRO B 274 11.81 9.22 -18.67
CA PRO B 274 11.99 7.96 -17.89
C PRO B 274 11.23 6.82 -18.47
N GLU B 275 11.70 5.58 -18.27
CA GLU B 275 10.89 4.41 -18.57
C GLU B 275 9.77 4.12 -17.55
N LEU B 276 9.95 4.65 -16.34
CA LEU B 276 9.09 4.42 -15.18
C LEU B 276 8.89 5.71 -14.43
N VAL B 277 7.62 6.01 -14.11
CA VAL B 277 7.27 7.17 -13.34
C VAL B 277 6.38 6.72 -12.20
N THR B 278 6.76 7.13 -11.00
CA THR B 278 5.97 6.75 -9.83
C THR B 278 5.31 7.96 -9.18
N MET B 279 4.23 7.73 -8.46
CA MET B 279 3.45 8.81 -7.88
C MET B 279 2.63 8.30 -6.69
N GLY B 280 2.14 9.23 -5.88
CA GLY B 280 1.41 8.86 -4.68
C GLY B 280 0.70 10.09 -4.20
N LYS B 281 1.13 10.56 -3.02
CA LYS B 281 0.64 11.76 -2.29
C LYS B 281 -0.60 12.49 -2.80
N PRO B 282 -0.41 13.55 -3.58
CA PRO B 282 -1.56 14.31 -3.97
C PRO B 282 -2.62 13.63 -4.74
N MET B 283 -2.32 12.50 -5.37
CA MET B 283 -3.16 11.95 -6.41
C MET B 283 -4.62 11.84 -6.17
N GLY B 284 -4.96 11.44 -4.94
CA GLY B 284 -6.33 11.34 -4.51
C GLY B 284 -6.77 12.33 -3.44
N ASN B 285 -6.04 13.45 -3.28
CA ASN B 285 -6.27 14.41 -2.26
C ASN B 285 -6.17 13.87 -0.81
N GLY B 286 -5.48 12.75 -0.64
CA GLY B 286 -5.52 12.04 0.67
C GLY B 286 -5.97 10.65 0.63
N HIS B 287 -6.75 10.29 -0.40
CA HIS B 287 -7.15 8.95 -0.59
C HIS B 287 -5.92 8.11 -0.85
N PRO B 288 -5.85 6.88 -0.32
CA PRO B 288 -4.62 6.10 -0.55
C PRO B 288 -4.55 5.59 -1.98
N ILE B 289 -3.72 6.27 -2.80
CA ILE B 289 -3.55 5.85 -4.21
C ILE B 289 -2.11 6.14 -4.57
N GLY B 290 -1.55 5.26 -5.41
CA GLY B 290 -0.33 5.48 -6.07
C GLY B 290 -0.36 4.90 -7.45
N ALA B 291 0.73 5.15 -8.21
CA ALA B 291 0.85 4.50 -9.55
C ALA B 291 2.22 4.37 -10.06
N VAL B 292 2.35 3.45 -11.01
CA VAL B 292 3.52 3.32 -11.83
C VAL B 292 3.05 3.51 -13.26
N VAL B 293 3.58 4.54 -13.90
CA VAL B 293 3.33 4.76 -15.34
C VAL B 293 4.58 4.32 -16.10
N THR B 294 4.34 3.53 -17.16
CA THR B 294 5.42 2.93 -17.85
C THR B 294 5.10 2.70 -19.35
N THR B 295 5.96 1.91 -20.01
CA THR B 295 5.80 1.66 -21.48
C THR B 295 4.96 0.41 -21.71
N ALA B 296 4.44 0.29 -22.94
CA ALA B 296 3.68 -0.91 -23.31
C ALA B 296 4.55 -2.13 -23.18
N GLU B 297 5.81 -2.02 -23.61
CA GLU B 297 6.68 -3.16 -23.56
C GLU B 297 6.98 -3.65 -22.12
N LEU B 298 7.23 -2.73 -21.19
CA LEU B 298 7.54 -3.07 -19.82
C LEU B 298 6.32 -3.64 -19.13
N LEU B 299 5.15 -3.04 -19.28
CA LEU B 299 3.95 -3.63 -18.66
C LEU B 299 3.62 -4.99 -19.21
N ASP B 300 3.72 -5.15 -20.55
CA ASP B 300 3.43 -6.40 -21.15
C ASP B 300 4.35 -7.50 -20.64
N GLU B 301 5.66 -7.22 -20.58
CA GLU B 301 6.66 -8.19 -20.16
C GLU B 301 6.42 -8.61 -18.71
N PHE B 302 6.16 -7.64 -17.85
CA PHE B 302 5.94 -7.93 -16.44
C PHE B 302 4.72 -8.78 -16.26
N GLY B 303 3.64 -8.44 -16.97
CA GLY B 303 2.40 -9.27 -16.90
C GLY B 303 2.52 -10.66 -17.43
N ARG B 304 3.38 -10.84 -18.43
CA ARG B 304 3.61 -12.22 -18.94
C ARG B 304 4.34 -13.06 -17.89
N HIS B 305 5.17 -12.40 -17.09
CA HIS B 305 6.03 -13.11 -16.15
C HIS B 305 5.49 -13.26 -14.71
N ASN B 306 4.43 -12.56 -14.36
CA ASN B 306 3.94 -12.53 -13.01
C ASN B 306 2.38 -12.45 -13.01
N MET B 307 1.69 -13.23 -12.18
CA MET B 307 0.25 -13.01 -11.96
C MET B 307 0.08 -11.90 -10.91
N PHE B 308 0.26 -10.70 -11.37
CA PHE B 308 0.37 -9.56 -10.49
C PHE B 308 -1.09 -9.07 -10.22
N PHE B 309 -1.43 -8.87 -8.94
CA PHE B 309 -2.75 -8.35 -8.56
C PHE B 309 -2.62 -7.62 -7.22
N ASN B 310 -3.27 -6.47 -7.14
CA ASN B 310 -3.28 -5.64 -5.89
C ASN B 310 -4.74 -5.43 -5.55
N THR B 311 -5.22 -6.03 -4.44
CA THR B 311 -6.69 -6.13 -4.16
C THR B 311 -7.46 -4.77 -4.23
N PHE B 312 -6.89 -3.72 -3.61
CA PHE B 312 -7.57 -2.39 -3.54
C PHE B 312 -7.26 -1.50 -4.73
N ALA B 313 -6.15 -1.78 -5.41
CA ALA B 313 -5.73 -0.93 -6.53
C ALA B 313 -6.85 -0.87 -7.58
N GLY B 314 -7.14 0.35 -8.01
CA GLY B 314 -8.02 0.49 -9.13
C GLY B 314 -9.45 0.19 -8.79
N ASN B 315 -9.78 0.22 -7.51
CA ASN B 315 -11.16 0.01 -7.15
C ASN B 315 -11.87 1.27 -7.64
N PRO B 316 -13.16 1.18 -7.85
CA PRO B 316 -13.91 2.29 -8.35
C PRO B 316 -13.85 3.56 -7.51
N VAL B 317 -13.80 3.42 -6.17
CA VAL B 317 -13.77 4.61 -5.29
C VAL B 317 -12.47 5.36 -5.43
N SER B 318 -11.34 4.65 -5.41
CA SER B 318 -10.06 5.25 -5.58
C SER B 318 -9.95 5.94 -6.96
N SER B 319 -10.49 5.29 -7.98
CA SER B 319 -10.48 5.86 -9.31
C SER B 319 -11.37 7.13 -9.37
N ALA B 320 -12.50 7.09 -8.70
CA ALA B 320 -13.36 8.28 -8.60
C ALA B 320 -12.60 9.44 -7.96
N ALA B 321 -11.85 9.14 -6.92
CA ALA B 321 -11.07 10.19 -6.21
C ALA B 321 -10.05 10.82 -7.11
N GLY B 322 -9.31 9.95 -7.77
CA GLY B 322 -8.25 10.41 -8.67
C GLY B 322 -8.81 11.23 -9.83
N LEU B 323 -9.93 10.79 -10.36
CA LEU B 323 -10.60 11.54 -11.44
C LEU B 323 -11.00 12.93 -11.00
N ALA B 324 -11.53 13.01 -9.79
CA ALA B 324 -12.01 14.31 -9.26
C ALA B 324 -10.87 15.26 -9.06
N VAL B 325 -9.70 14.77 -8.61
CA VAL B 325 -8.51 15.59 -8.50
C VAL B 325 -8.03 16.15 -9.87
N LEU B 326 -7.90 15.27 -10.87
CA LEU B 326 -7.51 15.75 -12.21
C LEU B 326 -8.53 16.75 -12.80
N ARG B 327 -9.81 16.45 -12.66
CA ARG B 327 -10.87 17.34 -13.18
C ARG B 327 -10.83 18.67 -12.52
N TYR B 328 -10.69 18.67 -11.21
CA TYR B 328 -10.59 19.96 -10.49
C TYR B 328 -9.35 20.79 -10.85
N MET B 329 -8.15 20.17 -10.85
CA MET B 329 -6.94 20.83 -11.27
C MET B 329 -7.06 21.50 -12.65
N ASP B 330 -7.67 20.76 -13.58
CA ASP B 330 -7.81 21.23 -15.00
C ASP B 330 -8.83 22.39 -15.03
N GLN B 331 -9.99 22.18 -14.48
CA GLN B 331 -11.06 23.21 -14.38
C GLN B 331 -10.61 24.52 -13.70
N GLU B 332 -9.82 24.46 -12.61
CA GLU B 332 -9.32 25.65 -11.93
C GLU B 332 -7.97 26.14 -12.38
N ASP B 333 -7.39 25.49 -13.38
CA ASP B 333 -6.16 25.97 -14.01
C ASP B 333 -4.96 26.05 -13.04
N LEU B 334 -4.86 25.04 -12.17
CA LEU B 334 -4.00 25.19 -11.02
C LEU B 334 -2.58 25.13 -11.40
N MET B 335 -2.24 24.34 -12.43
CA MET B 335 -0.84 24.21 -12.80
C MET B 335 -0.29 25.57 -13.34
N ALA B 336 -1.04 26.16 -14.26
CA ALA B 336 -0.62 27.50 -14.83
C ALA B 336 -0.57 28.61 -13.76
N LYS B 337 -1.51 28.55 -12.82
CA LYS B 337 -1.51 29.44 -11.71
C LYS B 337 -0.27 29.28 -10.85
N ALA B 338 0.13 28.03 -10.64
CA ALA B 338 1.30 27.74 -9.81
C ALA B 338 2.58 28.25 -10.46
N ASP B 339 2.66 28.13 -11.78
CA ASP B 339 3.80 28.65 -12.54
C ASP B 339 3.91 30.21 -12.32
N GLN B 340 2.81 30.92 -12.53
CA GLN B 340 2.83 32.43 -12.37
C GLN B 340 3.09 32.86 -10.93
N LEU B 341 2.43 32.21 -9.99
CA LEU B 341 2.61 32.54 -8.57
C LEU B 341 4.02 32.15 -8.11
N GLY B 342 4.50 31.00 -8.58
CA GLY B 342 5.89 30.62 -8.32
C GLY B 342 6.93 31.66 -8.70
N LYS B 343 6.76 32.29 -9.85
CA LYS B 343 7.67 33.38 -10.31
C LYS B 343 7.65 34.56 -9.35
N TYR B 344 6.45 35.02 -8.98
CA TYR B 344 6.26 36.04 -7.98
C TYR B 344 6.90 35.70 -6.65
N ILE B 345 6.62 34.50 -6.12
CA ILE B 345 7.24 34.09 -4.86
C ILE B 345 8.78 34.09 -4.95
N ARG B 346 9.31 33.60 -6.06
CA ARG B 346 10.76 33.57 -6.24
C ARG B 346 11.36 34.98 -6.18
N LYS B 347 10.72 35.95 -6.81
CA LYS B 347 11.18 37.34 -6.75
C LYS B 347 11.15 37.79 -5.29
N ARG B 348 10.08 37.52 -4.57
CA ARG B 348 9.99 37.97 -3.18
C ARG B 348 11.07 37.36 -2.32
N LEU B 349 11.25 36.05 -2.47
CA LEU B 349 12.28 35.37 -1.71
C LEU B 349 13.65 35.91 -2.02
N GLU B 350 13.93 36.19 -3.29
CA GLU B 350 15.23 36.80 -3.61
C GLU B 350 15.44 38.15 -2.91
N ASN B 351 14.40 38.98 -2.85
CA ASN B 351 14.46 40.24 -2.08
C ASN B 351 14.75 39.96 -0.62
N ILE B 352 14.08 38.95 -0.05
CA ILE B 352 14.32 38.56 1.33
C ILE B 352 15.78 38.05 1.54
N ALA B 353 16.28 37.21 0.62
CA ALA B 353 17.63 36.66 0.75
C ALA B 353 18.68 37.81 0.69
N GLN B 354 18.46 38.77 -0.21
CA GLN B 354 19.40 39.88 -0.44
C GLN B 354 19.56 40.66 0.86
N ARG B 355 18.45 40.86 1.58
CA ARG B 355 18.41 41.61 2.83
C ARG B 355 18.85 40.86 4.11
N SER B 356 18.64 39.54 4.16
CA SER B 356 18.89 38.82 5.39
C SER B 356 20.23 38.09 5.34
N GLY B 357 21.06 38.35 6.35
CA GLY B 357 22.29 37.63 6.56
C GLY B 357 22.04 36.22 7.10
N ASN B 358 20.81 35.89 7.49
CA ASN B 358 20.50 34.48 7.84
C ASN B 358 19.95 33.62 6.68
N VAL B 359 19.91 34.17 5.46
CA VAL B 359 19.40 33.46 4.31
C VAL B 359 20.47 33.33 3.23
N GLY B 360 20.72 32.10 2.79
CA GLY B 360 21.60 31.80 1.64
C GLY B 360 20.86 31.87 0.30
N SER B 361 20.65 30.74 -0.33
CA SER B 361 20.07 30.69 -1.69
C SER B 361 18.53 30.49 -1.64
N VAL B 362 17.85 30.99 -2.64
CA VAL B 362 16.47 30.73 -2.88
C VAL B 362 16.37 29.49 -3.79
N ARG B 363 15.46 28.58 -3.46
CA ARG B 363 15.47 27.26 -4.10
C ARG B 363 14.04 26.85 -4.53
N GLY B 364 13.98 25.99 -5.53
CA GLY B 364 12.73 25.37 -5.96
C GLY B 364 12.09 26.09 -7.11
N ARG B 365 10.82 25.82 -7.29
CA ARG B 365 10.14 26.16 -8.51
C ARG B 365 8.66 26.00 -8.26
N GLY B 366 7.84 26.85 -8.86
CA GLY B 366 6.41 26.67 -8.80
C GLY B 366 5.97 26.85 -7.37
N LEU B 367 5.19 25.92 -6.84
CA LEU B 367 4.78 26.01 -5.44
C LEU B 367 5.54 25.01 -4.57
N PHE B 368 6.80 24.73 -4.91
CA PHE B 368 7.69 24.08 -4.00
C PHE B 368 8.88 25.02 -3.90
N PHE B 369 9.01 25.72 -2.77
CA PHE B 369 10.00 26.77 -2.61
CA PHE B 369 10.04 26.73 -2.60
C PHE B 369 10.71 26.58 -1.27
N GLY B 370 11.96 26.96 -1.22
CA GLY B 370 12.67 27.00 0.03
C GLY B 370 13.80 28.01 0.04
N ILE B 371 14.32 28.21 1.24
CA ILE B 371 15.56 28.99 1.49
C ILE B 371 16.43 28.33 2.50
N ASP B 372 17.76 28.35 2.26
CA ASP B 372 18.69 27.84 3.31
C ASP B 372 18.86 28.88 4.33
N ILE B 373 18.90 28.42 5.57
CA ILE B 373 19.05 29.28 6.72
C ILE B 373 20.48 29.07 7.23
N ILE B 374 21.18 30.20 7.39
CA ILE B 374 22.61 30.19 7.72
C ILE B 374 22.93 31.15 8.87
N GLU B 375 24.10 30.95 9.45
CA GLU B 375 24.61 31.89 10.48
C GLU B 375 24.91 33.20 9.75
N SER B 376 24.74 34.31 10.46
CA SER B 376 24.98 35.67 9.90
C SER B 376 26.39 36.21 10.22
N ASP B 377 27.22 35.40 10.87
CA ASP B 377 28.55 35.82 11.31
C ASP B 377 29.63 35.86 10.19
N GLY B 378 29.23 35.76 8.92
CA GLY B 378 30.19 35.70 7.81
C GLY B 378 30.66 34.31 7.41
N SER B 379 30.48 33.30 8.29
CA SER B 379 30.83 31.90 7.97
C SER B 379 29.91 31.26 6.92
N ARG B 380 28.69 31.78 6.74
CA ARG B 380 27.64 31.12 5.95
C ARG B 380 27.40 29.63 6.35
N ASN B 381 27.63 29.28 7.62
CA ASN B 381 27.46 27.89 8.08
C ASN B 381 25.94 27.58 8.18
N PRO B 382 25.53 26.36 7.77
CA PRO B 382 24.12 25.97 7.97
C PRO B 382 23.71 26.19 9.43
N ALA B 383 22.54 26.78 9.67
CA ALA B 383 22.00 27.00 11.00
C ALA B 383 20.70 26.21 11.34
N PRO B 384 20.82 24.92 11.68
CA PRO B 384 19.61 24.12 11.99
C PRO B 384 18.82 24.62 13.18
N ALA B 385 19.51 25.11 14.21
CA ALA B 385 18.80 25.65 15.37
C ALA B 385 17.93 26.88 15.04
N LEU B 386 18.43 27.79 14.21
CA LEU B 386 17.68 28.98 13.81
C LEU B 386 16.49 28.60 12.90
N THR B 387 16.71 27.57 12.08
CA THR B 387 15.65 27.04 11.21
C THR B 387 14.47 26.56 12.07
N LYS B 388 14.77 25.81 13.14
CA LYS B 388 13.74 25.31 14.08
C LYS B 388 13.02 26.48 14.76
N ILE B 389 13.79 27.49 15.16
CA ILE B 389 13.19 28.71 15.70
C ILE B 389 12.19 29.32 14.72
N LEU B 390 12.62 29.48 13.46
CA LEU B 390 11.73 30.06 12.45
C LEU B 390 10.44 29.18 12.23
N ILE B 391 10.59 27.85 12.15
CA ILE B 391 9.44 26.95 11.97
C ILE B 391 8.46 27.15 13.14
N GLU B 392 8.99 27.18 14.37
CA GLU B 392 8.15 27.34 15.60
C GLU B 392 7.54 28.68 15.68
N ASP B 393 8.31 29.72 15.34
CA ASP B 393 7.74 31.06 15.28
C ASP B 393 6.65 31.27 14.18
N MET B 394 6.91 30.73 12.99
CA MET B 394 5.90 30.75 11.92
C MET B 394 4.60 30.05 12.40
N ARG B 395 4.73 28.92 13.08
CA ARG B 395 3.56 28.26 13.67
C ARG B 395 2.82 29.19 14.65
N GLU B 396 3.55 29.83 15.59
CA GLU B 396 2.92 30.81 16.51
C GLU B 396 2.20 31.91 15.72
N ARG B 397 2.75 32.35 14.59
CA ARG B 397 2.11 33.40 13.78
C ARG B 397 0.99 32.85 12.88
N GLY B 398 0.74 31.55 12.89
CA GLY B 398 -0.40 31.02 12.13
C GLY B 398 -0.08 30.52 10.72
N VAL B 399 1.16 30.03 10.52
CA VAL B 399 1.56 29.43 9.26
C VAL B 399 2.36 28.16 9.50
N LEU B 400 1.96 27.11 8.82
CA LEU B 400 2.64 25.83 8.90
C LEU B 400 3.65 25.66 7.80
N ILE B 401 4.94 25.50 8.18
CA ILE B 401 6.03 25.16 7.26
C ILE B 401 6.90 24.13 7.91
N SER B 402 7.93 23.66 7.23
CA SER B 402 8.82 22.67 7.77
C SER B 402 10.20 22.85 7.13
N ARG B 403 11.03 21.81 7.19
CA ARG B 403 12.35 21.93 6.72
C ARG B 403 12.83 20.60 6.24
N VAL B 404 13.85 20.67 5.39
CA VAL B 404 14.51 19.53 4.83
C VAL B 404 16.01 19.80 4.71
N GLY B 405 16.72 18.77 4.27
CA GLY B 405 18.11 18.86 3.90
C GLY B 405 19.00 18.12 4.89
N PRO B 406 20.17 17.63 4.44
CA PRO B 406 21.12 16.91 5.31
C PRO B 406 21.62 17.72 6.53
N HIS B 407 21.58 19.04 6.45
CA HIS B 407 21.92 19.90 7.59
C HIS B 407 20.72 20.43 8.28
N ASP B 408 19.53 20.02 7.84
CA ASP B 408 18.30 20.39 8.53
C ASP B 408 18.08 21.90 8.62
N ASN B 409 18.43 22.59 7.53
CA ASN B 409 18.36 24.05 7.48
C ASN B 409 17.68 24.68 6.28
N VAL B 410 16.96 23.90 5.47
CA VAL B 410 16.29 24.44 4.29
C VAL B 410 14.80 24.49 4.62
N LEU B 411 14.27 25.69 4.81
CA LEU B 411 12.84 25.79 5.00
C LEU B 411 12.14 25.18 3.77
N LYS B 412 11.07 24.39 4.01
CA LYS B 412 10.29 23.70 2.94
C LYS B 412 8.85 24.22 2.95
N MET B 413 8.47 24.91 1.87
CA MET B 413 7.11 25.47 1.70
C MET B 413 6.50 24.87 0.46
N ARG B 414 5.32 24.26 0.64
CA ARG B 414 4.77 23.36 -0.32
C ARG B 414 3.26 23.21 -0.09
N PRO B 415 2.47 24.27 -0.39
CA PRO B 415 1.14 24.34 0.09
C PRO B 415 0.21 23.58 -0.87
N PRO B 416 -1.02 23.38 -0.48
CA PRO B 416 -2.01 22.87 -1.38
C PRO B 416 -1.98 23.72 -2.66
N LEU B 417 -2.26 23.10 -3.80
CA LEU B 417 -2.10 23.80 -5.09
C LEU B 417 -3.23 24.78 -5.36
N VAL B 418 -4.20 24.89 -4.48
CA VAL B 418 -5.15 26.00 -4.47
C VAL B 418 -4.68 27.28 -3.75
N PHE B 419 -3.46 27.30 -3.23
CA PHE B 419 -2.85 28.47 -2.57
C PHE B 419 -2.66 29.56 -3.63
N GLY B 420 -3.27 30.72 -3.44
CA GLY B 420 -3.08 31.88 -4.33
C GLY B 420 -2.26 33.05 -3.75
N ARG B 421 -2.30 34.13 -4.50
CA ARG B 421 -1.46 35.29 -4.23
C ARG B 421 -1.70 35.91 -2.83
N GLU B 422 -2.97 35.99 -2.41
CA GLU B 422 -3.34 36.55 -1.07
C GLU B 422 -2.64 35.69 -0.01
N HIS B 423 -2.61 34.36 -0.27
CA HIS B 423 -1.98 33.42 0.69
C HIS B 423 -0.47 33.60 0.68
N ALA B 424 0.11 33.75 -0.51
CA ALA B 424 1.55 33.92 -0.61
C ALA B 424 1.99 35.19 0.18
N ASP B 425 1.22 36.26 0.07
CA ASP B 425 1.57 37.53 0.76
C ASP B 425 1.49 37.41 2.27
N ILE B 426 0.51 36.68 2.75
CA ILE B 426 0.43 36.44 4.21
C ILE B 426 1.68 35.64 4.61
N LEU B 427 1.96 34.55 3.90
CA LEU B 427 3.08 33.71 4.29
C LEU B 427 4.41 34.49 4.26
N LEU B 428 4.63 35.21 3.15
CA LEU B 428 5.91 35.88 2.93
C LEU B 428 6.08 37.07 3.92
N GLY B 429 4.99 37.77 4.24
CA GLY B 429 5.04 38.80 5.29
C GLY B 429 5.40 38.23 6.65
N GLN B 430 4.74 37.15 7.07
CA GLN B 430 5.11 36.54 8.35
C GLN B 430 6.54 36.01 8.34
N LEU B 431 7.00 35.44 7.22
CA LEU B 431 8.37 34.93 7.13
C LEU B 431 9.39 36.08 7.34
N GLU B 432 9.12 37.22 6.71
CA GLU B 432 9.99 38.40 6.90
C GLU B 432 10.13 38.84 8.34
N LEU B 433 8.99 38.94 9.01
CA LEU B 433 8.92 39.34 10.38
C LEU B 433 9.61 38.30 11.25
N SER B 434 9.47 37.04 10.87
CA SER B 434 10.07 35.98 11.63
C SER B 434 11.60 36.03 11.48
N LEU B 435 12.07 36.25 10.25
CA LEU B 435 13.52 36.40 10.02
C LEU B 435 14.08 37.64 10.78
N ALA B 436 13.33 38.75 10.78
CA ALA B 436 13.73 39.97 11.51
C ALA B 436 13.85 39.76 13.02
N SER B 437 13.13 38.78 13.59
CA SER B 437 13.25 38.47 15.04
C SER B 437 14.46 37.68 15.49
N LEU B 438 15.23 37.12 14.57
CA LEU B 438 16.40 36.30 14.96
C LEU B 438 17.53 37.20 15.55
N PRO B 439 18.44 36.64 16.39
CA PRO B 439 19.73 37.32 16.71
C PRO B 439 20.47 37.93 15.48
#